data_5YS4
#
_entry.id   5YS4
#
_cell.length_a   43.790
_cell.length_b   56.780
_cell.length_c   91.400
_cell.angle_alpha   76.56
_cell.angle_beta   84.48
_cell.angle_gamma   89.99
#
_symmetry.space_group_name_H-M   'P 1'
#
loop_
_entity.id
_entity.type
_entity.pdbx_description
1 polymer 'DNA-damage inducible protein DDI1-like protein'
2 water water
#
_entity_poly.entity_id   1
_entity_poly.type   'polypeptide(L)'
_entity_poly.pdbx_seq_one_letter_code
;AFAKVTMLYVPCTINQVLVKAFVDSGAQNSIMNKRTAERCGLMRLVDVRMRGVAVGVGRQEICGRIHMTPVNLAGMYIPF
AFYVIEDQAMDLIIGLDQLKRHQMMIDLKHNCLTIDNINVPFLPENDLPA
;
_entity_poly.pdbx_strand_id   A,B,C,D,E,F
#
# COMPACT_ATOMS: atom_id res chain seq x y z
N ALA A 1 28.03 -24.97 20.53
CA ALA A 1 26.90 -24.32 19.88
C ALA A 1 26.30 -25.22 18.81
N PHE A 2 25.02 -25.00 18.50
CA PHE A 2 24.31 -25.81 17.53
C PHE A 2 23.23 -24.96 16.86
N ALA A 3 22.95 -25.29 15.61
CA ALA A 3 21.92 -24.58 14.84
C ALA A 3 21.49 -25.45 13.68
N LYS A 4 20.19 -25.69 13.58
CA LYS A 4 19.61 -26.49 12.51
C LYS A 4 18.55 -25.67 11.80
N VAL A 5 18.67 -25.56 10.47
CA VAL A 5 17.67 -24.88 9.68
C VAL A 5 16.42 -25.74 9.57
N THR A 6 15.27 -25.07 9.46
CA THR A 6 13.99 -25.75 9.35
C THR A 6 13.86 -26.42 7.98
N MET A 7 13.44 -27.68 7.97
CA MET A 7 13.24 -28.38 6.71
C MET A 7 12.01 -27.81 5.99
N LEU A 8 11.98 -28.01 4.68
CA LEU A 8 11.00 -27.36 3.82
C LEU A 8 9.69 -28.14 3.79
N TYR A 9 8.62 -27.51 4.26
CA TYR A 9 7.27 -28.06 4.18
C TYR A 9 6.32 -26.98 3.69
N VAL A 10 5.36 -27.37 2.87
CA VAL A 10 4.34 -26.44 2.37
C VAL A 10 2.96 -26.98 2.69
N PRO A 11 1.99 -26.14 3.05
CA PRO A 11 0.63 -26.63 3.29
C PRO A 11 -0.14 -26.76 1.99
N CYS A 12 -0.90 -27.86 1.89
CA CYS A 12 -1.78 -28.07 0.75
C CYS A 12 -2.95 -28.93 1.21
N THR A 13 -4.04 -28.86 0.45
CA THR A 13 -5.24 -29.63 0.76
C THR A 13 -5.53 -30.59 -0.40
N ILE A 14 -5.78 -31.86 -0.05
CA ILE A 14 -6.09 -32.90 -1.01
C ILE A 14 -7.42 -33.51 -0.60
N ASN A 15 -8.44 -33.35 -1.44
CA ASN A 15 -9.81 -33.72 -1.10
C ASN A 15 -10.26 -33.03 0.19
N GLN A 16 -9.95 -31.73 0.27
CA GLN A 16 -10.29 -30.87 1.40
C GLN A 16 -9.61 -31.30 2.69
N VAL A 17 -8.57 -32.13 2.60
CA VAL A 17 -7.82 -32.60 3.76
C VAL A 17 -6.46 -31.91 3.73
N LEU A 18 -6.12 -31.24 4.82
CA LEU A 18 -4.85 -30.53 4.91
C LEU A 18 -3.69 -31.52 4.96
N VAL A 19 -2.71 -31.31 4.09
CA VAL A 19 -1.52 -32.16 4.01
C VAL A 19 -0.29 -31.26 4.05
N LYS A 20 0.67 -31.63 4.89
CA LYS A 20 1.94 -30.94 5.00
C LYS A 20 2.95 -31.67 4.12
N ALA A 21 3.29 -31.08 2.98
CA ALA A 21 4.11 -31.75 1.98
C ALA A 21 5.58 -31.42 2.16
N PHE A 22 6.42 -32.46 2.09
CA PHE A 22 7.87 -32.30 2.18
C PHE A 22 8.44 -31.99 0.81
N VAL A 23 9.21 -30.92 0.73
CA VAL A 23 9.80 -30.44 -0.53
C VAL A 23 11.22 -30.94 -0.59
N ASP A 24 11.50 -31.86 -1.53
CA ASP A 24 12.80 -32.51 -1.62
C ASP A 24 13.26 -32.48 -3.08
N SER A 25 14.16 -31.55 -3.40
CA SER A 25 14.73 -31.50 -4.74
C SER A 25 15.67 -32.67 -5.02
N GLY A 26 16.15 -33.35 -3.97
CA GLY A 26 16.98 -34.52 -4.14
C GLY A 26 16.22 -35.81 -4.32
N ALA A 27 14.89 -35.78 -4.20
CA ALA A 27 14.06 -36.96 -4.37
C ALA A 27 13.59 -37.06 -5.81
N GLN A 28 13.80 -38.23 -6.42
CA GLN A 28 13.41 -38.42 -7.81
C GLN A 28 11.89 -38.44 -7.98
N ASN A 29 11.19 -39.14 -7.10
CA ASN A 29 9.76 -39.36 -7.25
C ASN A 29 8.99 -38.74 -6.09
N SER A 30 7.77 -38.31 -6.38
CA SER A 30 6.85 -37.85 -5.35
C SER A 30 6.13 -39.03 -4.72
N ILE A 31 6.05 -39.02 -3.39
CA ILE A 31 5.55 -40.17 -2.63
C ILE A 31 4.63 -39.68 -1.53
N MET A 32 3.48 -40.34 -1.40
CA MET A 32 2.56 -40.17 -0.29
C MET A 32 2.44 -41.49 0.46
N ASN A 33 2.41 -41.42 1.79
CA ASN A 33 2.29 -42.65 2.55
C ASN A 33 0.83 -43.14 2.55
N LYS A 34 0.66 -44.42 2.87
CA LYS A 34 -0.67 -45.04 2.80
C LYS A 34 -1.65 -44.37 3.76
N ARG A 35 -1.17 -43.97 4.94
CA ARG A 35 -2.05 -43.35 5.93
C ARG A 35 -2.68 -42.06 5.39
N THR A 36 -1.89 -41.24 4.70
CA THR A 36 -2.43 -40.01 4.12
C THR A 36 -3.36 -40.30 2.95
N ALA A 37 -3.02 -41.30 2.14
CA ALA A 37 -3.89 -41.68 1.03
C ALA A 37 -5.25 -42.14 1.54
N GLU A 38 -5.27 -42.88 2.65
CA GLU A 38 -6.53 -43.31 3.23
C GLU A 38 -7.31 -42.13 3.79
N ARG A 39 -6.64 -41.24 4.53
CA ARG A 39 -7.33 -40.08 5.10
C ARG A 39 -7.90 -39.17 4.02
N CYS A 40 -7.21 -39.07 2.88
CA CYS A 40 -7.68 -38.25 1.77
C CYS A 40 -8.68 -38.97 0.89
N GLY A 41 -8.91 -40.25 1.11
CA GLY A 41 -9.84 -41.00 0.29
C GLY A 41 -9.35 -41.19 -1.13
N LEU A 42 -8.11 -41.64 -1.28
CA LEU A 42 -7.48 -41.77 -2.59
C LEU A 42 -7.17 -43.22 -2.97
N MET A 43 -7.46 -44.17 -2.09
CA MET A 43 -7.06 -45.55 -2.36
C MET A 43 -7.77 -46.12 -3.58
N ARG A 44 -8.96 -45.62 -3.89
CA ARG A 44 -9.68 -46.08 -5.08
C ARG A 44 -8.97 -45.69 -6.38
N LEU A 45 -8.15 -44.64 -6.35
CA LEU A 45 -7.43 -44.17 -7.54
C LEU A 45 -6.05 -44.81 -7.69
N VAL A 46 -5.67 -45.72 -6.80
CA VAL A 46 -4.35 -46.31 -6.80
C VAL A 46 -4.28 -47.38 -7.88
N ASP A 47 -3.26 -47.32 -8.73
CA ASP A 47 -3.08 -48.25 -9.84
C ASP A 47 -2.32 -49.47 -9.36
N VAL A 48 -2.90 -50.65 -9.56
CA VAL A 48 -2.40 -51.88 -8.96
C VAL A 48 -1.25 -52.53 -9.73
N ARG A 49 -0.75 -51.89 -10.79
CA ARG A 49 0.33 -52.44 -11.60
C ARG A 49 1.73 -52.00 -11.15
N MET A 50 1.87 -51.60 -9.88
CA MET A 50 3.17 -51.19 -9.32
C MET A 50 3.80 -50.07 -10.14
N GLN A 60 7.67 -52.98 3.65
CA GLN A 60 7.32 -51.77 2.91
C GLN A 60 6.96 -52.11 1.47
N GLU A 61 5.69 -52.40 1.23
CA GLU A 61 5.22 -52.73 -0.11
C GLU A 61 4.71 -51.48 -0.82
N ILE A 62 5.14 -51.30 -2.07
CA ILE A 62 4.68 -50.19 -2.87
C ILE A 62 3.22 -50.45 -3.26
N CYS A 63 2.30 -49.65 -2.72
CA CYS A 63 0.88 -49.89 -2.96
C CYS A 63 0.51 -49.65 -4.42
N GLY A 64 1.11 -48.66 -5.04
CA GLY A 64 0.80 -48.33 -6.42
C GLY A 64 1.07 -46.87 -6.69
N ARG A 65 0.63 -46.43 -7.86
CA ARG A 65 0.83 -45.05 -8.31
C ARG A 65 -0.51 -44.40 -8.61
N ILE A 66 -0.66 -43.16 -8.18
CA ILE A 66 -1.81 -42.33 -8.52
C ILE A 66 -1.40 -41.44 -9.69
N HIS A 67 -2.10 -41.59 -10.81
CA HIS A 67 -1.68 -40.93 -12.05
C HIS A 67 -2.06 -39.46 -12.07
N MET A 68 -3.20 -39.10 -11.50
CA MET A 68 -3.65 -37.71 -11.53
C MET A 68 -4.68 -37.51 -10.43
N THR A 69 -4.45 -36.55 -9.55
CA THR A 69 -5.42 -36.14 -8.54
C THR A 69 -5.22 -34.65 -8.30
N PRO A 70 -6.29 -33.90 -8.09
CA PRO A 70 -6.14 -32.45 -7.85
C PRO A 70 -5.58 -32.18 -6.47
N VAL A 71 -4.55 -31.34 -6.42
CA VAL A 71 -3.95 -30.89 -5.16
C VAL A 71 -4.06 -29.37 -5.13
N ASN A 72 -4.69 -28.85 -4.08
CA ASN A 72 -4.83 -27.40 -3.92
C ASN A 72 -3.52 -26.88 -3.35
N LEU A 73 -2.71 -26.28 -4.20
CA LEU A 73 -1.42 -25.73 -3.81
C LEU A 73 -1.28 -24.36 -4.45
N ALA A 74 -0.94 -23.35 -3.63
CA ALA A 74 -0.85 -21.96 -4.05
C ALA A 74 -2.19 -21.43 -4.56
N GLY A 75 -3.29 -21.94 -4.02
CA GLY A 75 -4.60 -21.50 -4.42
C GLY A 75 -5.14 -22.14 -5.68
N MET A 76 -4.33 -22.96 -6.35
CA MET A 76 -4.69 -23.60 -7.60
C MET A 76 -4.86 -25.10 -7.40
N TYR A 77 -5.75 -25.70 -8.20
CA TYR A 77 -5.92 -27.15 -8.19
C TYR A 77 -4.95 -27.72 -9.21
N ILE A 78 -3.80 -28.18 -8.72
CA ILE A 78 -2.70 -28.65 -9.56
C ILE A 78 -2.80 -30.17 -9.68
N PRO A 79 -2.77 -30.73 -10.89
CA PRO A 79 -2.78 -32.20 -11.03
C PRO A 79 -1.46 -32.80 -10.59
N PHE A 80 -1.51 -33.71 -9.64
CA PHE A 80 -0.31 -34.35 -9.10
C PHE A 80 -0.32 -35.83 -9.42
N ALA A 81 0.89 -36.39 -9.53
CA ALA A 81 1.11 -37.82 -9.66
C ALA A 81 2.16 -38.24 -8.65
N PHE A 82 1.92 -39.36 -7.97
CA PHE A 82 2.83 -39.81 -6.93
C PHE A 82 2.57 -41.27 -6.62
N TYR A 83 3.58 -41.92 -6.05
CA TYR A 83 3.44 -43.27 -5.56
C TYR A 83 2.86 -43.28 -4.15
N VAL A 84 2.31 -44.43 -3.75
CA VAL A 84 1.80 -44.64 -2.41
C VAL A 84 2.58 -45.75 -1.77
N ILE A 85 3.15 -45.48 -0.59
CA ILE A 85 3.97 -46.43 0.14
C ILE A 85 3.41 -46.57 1.53
N GLU A 86 3.59 -47.74 2.15
CA GLU A 86 2.99 -47.99 3.45
C GLU A 86 3.85 -47.44 4.57
N ASP A 87 5.12 -47.82 4.62
CA ASP A 87 5.98 -47.50 5.75
C ASP A 87 6.87 -46.29 5.44
N GLN A 88 6.23 -45.16 5.16
CA GLN A 88 6.93 -43.90 4.97
C GLN A 88 6.55 -42.94 6.10
N ALA A 89 7.57 -42.33 6.70
CA ALA A 89 7.33 -41.36 7.77
C ALA A 89 6.69 -40.10 7.22
N MET A 90 7.11 -39.67 6.03
CA MET A 90 6.59 -38.44 5.46
C MET A 90 5.17 -38.67 4.94
N ASP A 91 4.28 -37.73 5.24
CA ASP A 91 2.91 -37.83 4.72
C ASP A 91 2.91 -37.70 3.20
N LEU A 92 3.63 -36.71 2.68
CA LEU A 92 3.71 -36.47 1.24
C LEU A 92 5.06 -35.86 0.93
N ILE A 93 5.77 -36.44 -0.03
CA ILE A 93 7.03 -35.91 -0.52
C ILE A 93 6.79 -35.36 -1.91
N ILE A 94 7.13 -34.09 -2.11
CA ILE A 94 7.10 -33.47 -3.44
C ILE A 94 8.50 -33.61 -4.02
N GLY A 95 8.66 -34.55 -4.95
CA GLY A 95 9.95 -34.84 -5.54
C GLY A 95 10.23 -33.98 -6.76
N LEU A 96 11.40 -34.22 -7.35
CA LEU A 96 11.84 -33.42 -8.48
C LEU A 96 10.93 -33.58 -9.69
N ASP A 97 10.29 -34.75 -9.83
CA ASP A 97 9.38 -34.99 -10.95
C ASP A 97 8.27 -33.94 -10.97
N GLN A 98 7.60 -33.73 -9.84
CA GLN A 98 6.51 -32.77 -9.80
C GLN A 98 7.01 -31.33 -9.70
N LEU A 99 8.17 -31.12 -9.06
CA LEU A 99 8.73 -29.77 -8.99
C LEU A 99 9.04 -29.23 -10.39
N LYS A 100 9.57 -30.08 -11.27
CA LYS A 100 9.86 -29.67 -12.63
C LYS A 100 8.60 -29.66 -13.49
N ARG A 101 7.71 -30.62 -13.28
CA ARG A 101 6.51 -30.73 -14.09
C ARG A 101 5.66 -29.46 -14.00
N HIS A 102 5.62 -28.83 -12.84
CA HIS A 102 4.83 -27.63 -12.63
C HIS A 102 5.69 -26.36 -12.57
N GLN A 103 6.95 -26.45 -12.99
CA GLN A 103 7.84 -25.29 -13.12
C GLN A 103 7.91 -24.49 -11.82
N MET A 104 8.10 -25.22 -10.72
CA MET A 104 8.15 -24.59 -9.41
C MET A 104 9.51 -23.95 -9.16
N MET A 105 9.56 -23.11 -8.13
CA MET A 105 10.79 -22.44 -7.72
C MET A 105 10.89 -22.52 -6.20
N ILE A 106 11.98 -23.12 -5.72
CA ILE A 106 12.25 -23.19 -4.29
C ILE A 106 13.06 -21.94 -3.94
N ASP A 107 12.38 -20.92 -3.42
CA ASP A 107 12.98 -19.62 -3.13
C ASP A 107 13.33 -19.58 -1.66
N LEU A 108 14.62 -19.72 -1.34
CA LEU A 108 15.08 -19.65 0.03
C LEU A 108 15.57 -18.27 0.43
N LYS A 109 15.63 -17.33 -0.51
CA LYS A 109 15.83 -15.93 -0.14
C LYS A 109 14.57 -15.34 0.48
N HIS A 110 13.40 -15.70 -0.05
CA HIS A 110 12.13 -15.22 0.46
C HIS A 110 11.36 -16.28 1.21
N ASN A 111 11.92 -17.49 1.37
CA ASN A 111 11.34 -18.56 2.18
C ASN A 111 9.94 -18.95 1.70
N CYS A 112 9.85 -19.30 0.41
CA CYS A 112 8.55 -19.68 -0.15
C CYS A 112 8.76 -20.57 -1.36
N LEU A 113 7.73 -21.34 -1.68
CA LEU A 113 7.66 -22.11 -2.91
C LEU A 113 6.77 -21.34 -3.88
N THR A 114 7.31 -21.03 -5.05
CA THR A 114 6.65 -20.15 -6.01
C THR A 114 6.13 -20.96 -7.20
N ILE A 115 4.85 -20.79 -7.51
CA ILE A 115 4.23 -21.41 -8.68
C ILE A 115 3.39 -20.34 -9.36
N ASP A 116 3.72 -20.05 -10.62
CA ASP A 116 3.00 -19.03 -11.40
C ASP A 116 2.98 -17.69 -10.67
N ASN A 117 4.13 -17.32 -10.10
CA ASN A 117 4.31 -16.09 -9.33
C ASN A 117 3.36 -16.02 -8.14
N ILE A 118 2.82 -17.15 -7.70
CA ILE A 118 2.10 -17.26 -6.44
C ILE A 118 3.02 -17.97 -5.46
N ASN A 119 3.13 -17.44 -4.25
CA ASN A 119 4.08 -17.94 -3.27
C ASN A 119 3.36 -18.71 -2.17
N VAL A 120 3.90 -19.87 -1.83
CA VAL A 120 3.47 -20.66 -0.68
C VAL A 120 4.57 -20.56 0.36
N PRO A 121 4.40 -19.82 1.45
CA PRO A 121 5.47 -19.72 2.45
C PRO A 121 5.74 -21.06 3.08
N PHE A 122 7.02 -21.37 3.25
CA PHE A 122 7.40 -22.61 3.92
C PHE A 122 6.94 -22.54 5.37
N LEU A 123 6.43 -23.66 5.87
CA LEU A 123 5.87 -23.67 7.21
C LEU A 123 6.95 -23.41 8.24
N PRO A 124 6.67 -22.63 9.27
CA PRO A 124 7.65 -22.45 10.34
C PRO A 124 7.83 -23.75 11.11
N GLU A 125 8.93 -23.81 11.87
CA GLU A 125 9.29 -25.03 12.59
C GLU A 125 8.14 -25.53 13.46
N ASN A 126 7.39 -24.60 14.05
CA ASN A 126 6.30 -24.99 14.95
C ASN A 126 5.20 -25.76 14.22
N ASP A 127 4.93 -25.43 12.96
CA ASP A 127 3.87 -26.08 12.21
C ASP A 127 4.33 -27.35 11.49
N LEU A 128 5.56 -27.79 11.73
CA LEU A 128 6.06 -28.99 11.08
C LEU A 128 5.45 -30.23 11.73
N PRO A 129 5.33 -31.34 10.96
CA PRO A 129 4.79 -32.61 11.47
C PRO A 129 5.54 -33.14 12.70
N ALA B 1 -1.61 -19.67 5.94
CA ALA B 1 -0.75 -19.13 4.90
C ALA B 1 -0.61 -20.12 3.74
N PHE B 2 -1.61 -20.13 2.87
CA PHE B 2 -1.65 -21.05 1.74
C PHE B 2 -1.19 -20.43 0.44
N ALA B 3 -1.43 -19.13 0.24
CA ALA B 3 -1.06 -18.49 -1.01
C ALA B 3 -0.84 -17.00 -0.77
N LYS B 4 0.28 -16.49 -1.24
CA LYS B 4 0.62 -15.07 -1.14
C LYS B 4 0.99 -14.57 -2.52
N VAL B 5 0.28 -13.55 -2.99
CA VAL B 5 0.63 -12.91 -4.25
C VAL B 5 1.91 -12.10 -4.08
N THR B 6 2.68 -12.00 -5.17
CA THR B 6 3.92 -11.25 -5.14
C THR B 6 3.64 -9.75 -5.04
N MET B 7 4.32 -9.07 -4.13
CA MET B 7 4.16 -7.63 -4.02
C MET B 7 4.77 -6.93 -5.24
N LEU B 8 4.31 -5.72 -5.51
CA LEU B 8 4.64 -5.04 -6.75
C LEU B 8 5.98 -4.32 -6.64
N TYR B 9 6.93 -4.72 -7.48
CA TYR B 9 8.23 -4.06 -7.60
C TYR B 9 8.56 -3.89 -9.07
N VAL B 10 9.16 -2.75 -9.41
CA VAL B 10 9.58 -2.48 -10.79
C VAL B 10 11.06 -2.11 -10.79
N PRO B 11 11.82 -2.53 -11.80
CA PRO B 11 13.22 -2.12 -11.88
C PRO B 11 13.37 -0.73 -12.50
N CYS B 12 14.26 0.07 -11.92
CA CYS B 12 14.59 1.37 -12.45
C CYS B 12 16.02 1.70 -12.08
N THR B 13 16.61 2.63 -12.83
CA THR B 13 17.97 3.07 -12.58
C THR B 13 17.98 4.54 -12.22
N ILE B 14 18.68 4.88 -11.15
CA ILE B 14 18.83 6.26 -10.68
C ILE B 14 20.32 6.54 -10.61
N ASN B 15 20.79 7.48 -11.44
CA ASN B 15 22.22 7.73 -11.61
C ASN B 15 22.96 6.44 -11.99
N GLN B 16 22.36 5.69 -12.93
CA GLN B 16 22.90 4.44 -13.46
C GLN B 16 23.01 3.35 -12.39
N VAL B 17 22.31 3.52 -11.27
CA VAL B 17 22.29 2.54 -10.19
C VAL B 17 20.93 1.86 -10.17
N LEU B 18 20.93 0.53 -10.25
CA LEU B 18 19.68 -0.22 -10.28
C LEU B 18 18.99 -0.14 -8.93
N VAL B 19 17.70 0.22 -8.95
CA VAL B 19 16.88 0.35 -7.76
C VAL B 19 15.60 -0.44 -7.99
N LYS B 20 15.20 -1.23 -7.00
CA LYS B 20 13.95 -1.98 -7.04
C LYS B 20 12.92 -1.16 -6.28
N ALA B 21 11.98 -0.55 -7.01
CA ALA B 21 11.02 0.37 -6.42
C ALA B 21 9.72 -0.33 -6.06
N PHE B 22 9.22 -0.04 -4.87
CA PHE B 22 7.96 -0.59 -4.38
C PHE B 22 6.80 0.28 -4.86
N VAL B 23 5.82 -0.35 -5.49
CA VAL B 23 4.65 0.34 -6.04
C VAL B 23 3.51 0.22 -5.03
N ASP B 24 3.13 1.34 -4.43
CA ASP B 24 2.14 1.36 -3.36
C ASP B 24 1.12 2.46 -3.65
N SER B 25 -0.04 2.08 -4.16
CA SER B 25 -1.12 3.04 -4.40
C SER B 25 -1.71 3.56 -3.10
N GLY B 26 -1.51 2.85 -1.99
CA GLY B 26 -1.95 3.27 -0.68
C GLY B 26 -1.01 4.21 0.04
N ALA B 27 0.16 4.48 -0.53
CA ALA B 27 1.13 5.38 0.08
C ALA B 27 0.95 6.79 -0.46
N GLN B 28 0.85 7.76 0.45
CA GLN B 28 0.68 9.16 0.04
C GLN B 28 1.94 9.71 -0.61
N ASN B 29 3.11 9.44 -0.02
CA ASN B 29 4.35 10.06 -0.44
C ASN B 29 5.34 9.02 -0.94
N SER B 30 6.16 9.42 -1.90
CA SER B 30 7.28 8.60 -2.36
C SER B 30 8.47 8.80 -1.42
N ILE B 31 9.10 7.70 -1.03
CA ILE B 31 10.16 7.73 -0.02
C ILE B 31 11.30 6.83 -0.46
N MET B 32 12.52 7.32 -0.33
CA MET B 32 13.73 6.54 -0.53
C MET B 32 14.50 6.47 0.79
N ASN B 33 15.05 5.29 1.09
CA ASN B 33 15.81 5.19 2.32
C ASN B 33 17.21 5.78 2.14
N LYS B 34 17.85 6.12 3.26
CA LYS B 34 19.12 6.84 3.21
C LYS B 34 20.20 6.03 2.52
N ARG B 35 20.25 4.71 2.75
CA ARG B 35 21.30 3.90 2.14
C ARG B 35 21.23 3.93 0.62
N THR B 36 20.03 3.88 0.04
CA THR B 36 19.90 3.94 -1.40
C THR B 36 20.27 5.32 -1.93
N ALA B 37 19.93 6.38 -1.20
CA ALA B 37 20.31 7.72 -1.60
C ALA B 37 21.83 7.88 -1.65
N GLU B 38 22.53 7.29 -0.67
CA GLU B 38 23.99 7.30 -0.70
C GLU B 38 24.51 6.47 -1.85
N ARG B 39 23.94 5.28 -2.05
CA ARG B 39 24.36 4.40 -3.13
C ARG B 39 24.14 5.05 -4.50
N CYS B 40 23.08 5.84 -4.65
CA CYS B 40 22.82 6.55 -5.89
C CYS B 40 23.56 7.89 -5.98
N GLY B 41 24.19 8.32 -4.89
CA GLY B 41 24.90 9.59 -4.89
C GLY B 41 23.97 10.79 -4.98
N LEU B 42 22.93 10.79 -4.14
CA LEU B 42 21.90 11.83 -4.20
C LEU B 42 21.83 12.70 -2.95
N MET B 43 22.67 12.43 -1.94
CA MET B 43 22.54 13.13 -0.66
C MET B 43 22.82 14.62 -0.82
N ARG B 44 23.61 15.01 -1.82
CA ARG B 44 23.84 16.42 -2.09
C ARG B 44 22.58 17.13 -2.59
N LEU B 45 21.63 16.39 -3.14
CA LEU B 45 20.38 16.95 -3.65
C LEU B 45 19.30 17.04 -2.58
N VAL B 46 19.57 16.61 -1.36
CA VAL B 46 18.57 16.54 -0.30
C VAL B 46 18.40 17.92 0.36
N ASP B 47 17.15 18.42 0.37
CA ASP B 47 16.81 19.66 1.07
C ASP B 47 16.38 19.29 2.48
N VAL B 48 17.11 19.76 3.48
CA VAL B 48 16.83 19.41 4.86
C VAL B 48 15.79 20.34 5.50
N ARG B 49 15.58 21.53 4.94
CA ARG B 49 14.64 22.48 5.47
C ARG B 49 14.23 23.53 4.44
N GLU B 61 16.03 10.21 11.17
CA GLU B 61 14.60 10.33 10.91
C GLU B 61 14.34 10.72 9.46
N ILE B 62 13.76 11.90 9.26
CA ILE B 62 13.48 12.43 7.93
C ILE B 62 14.68 13.28 7.51
N CYS B 63 15.51 12.74 6.62
CA CYS B 63 16.69 13.46 6.18
C CYS B 63 16.32 14.71 5.38
N GLY B 64 15.27 14.62 4.58
CA GLY B 64 14.85 15.74 3.76
C GLY B 64 14.12 15.24 2.52
N ARG B 65 13.89 16.17 1.59
CA ARG B 65 13.16 15.90 0.37
C ARG B 65 14.02 16.25 -0.85
N ILE B 66 13.99 15.36 -1.84
CA ILE B 66 14.61 15.62 -3.14
C ILE B 66 13.53 16.13 -4.08
N HIS B 67 13.70 17.35 -4.58
CA HIS B 67 12.64 18.00 -5.33
C HIS B 67 12.54 17.48 -6.76
N MET B 68 13.67 17.15 -7.38
CA MET B 68 13.64 16.67 -8.75
C MET B 68 14.94 15.92 -9.04
N THR B 69 14.81 14.68 -9.50
CA THR B 69 15.95 13.91 -9.96
C THR B 69 15.48 12.98 -11.07
N PRO B 70 16.27 12.78 -12.11
CA PRO B 70 15.84 11.90 -13.21
C PRO B 70 15.89 10.43 -12.79
N VAL B 71 14.81 9.72 -13.06
CA VAL B 71 14.72 8.29 -12.82
C VAL B 71 14.40 7.62 -14.15
N ASN B 72 15.26 6.68 -14.55
CA ASN B 72 15.04 5.94 -15.79
C ASN B 72 14.04 4.83 -15.52
N LEU B 73 12.79 5.07 -15.92
CA LEU B 73 11.71 4.11 -15.71
C LEU B 73 10.90 4.02 -16.99
N ALA B 74 10.68 2.80 -17.47
CA ALA B 74 9.99 2.55 -18.74
C ALA B 74 10.76 3.13 -19.93
N GLY B 75 12.09 3.17 -19.82
CA GLY B 75 12.93 3.69 -20.89
C GLY B 75 13.04 5.19 -20.94
N MET B 76 12.32 5.90 -20.09
CA MET B 76 12.30 7.36 -20.07
C MET B 76 12.97 7.87 -18.81
N TYR B 77 13.60 9.05 -18.91
CA TYR B 77 14.18 9.71 -17.75
C TYR B 77 13.10 10.60 -17.15
N ILE B 78 12.46 10.09 -16.11
CA ILE B 78 11.27 10.71 -15.52
C ILE B 78 11.70 11.54 -14.31
N PRO B 79 11.33 12.81 -14.23
CA PRO B 79 11.65 13.60 -13.03
C PRO B 79 10.84 13.12 -11.84
N PHE B 80 11.53 12.72 -10.77
CA PHE B 80 10.90 12.22 -9.57
C PHE B 80 11.16 13.14 -8.39
N ALA B 81 10.23 13.15 -7.45
CA ALA B 81 10.37 13.84 -6.19
C ALA B 81 9.99 12.89 -5.07
N PHE B 82 10.80 12.87 -4.00
CA PHE B 82 10.57 11.94 -2.91
C PHE B 82 11.33 12.40 -1.68
N TYR B 83 10.89 11.93 -0.53
CA TYR B 83 11.58 12.19 0.72
C TYR B 83 12.70 11.16 0.92
N VAL B 84 13.64 11.51 1.79
CA VAL B 84 14.72 10.61 2.18
C VAL B 84 14.60 10.36 3.68
N ILE B 85 14.53 9.09 4.06
CA ILE B 85 14.38 8.68 5.44
C ILE B 85 15.45 7.68 5.77
N GLU B 86 15.87 7.64 7.05
CA GLU B 86 17.00 6.80 7.43
C GLU B 86 16.56 5.36 7.68
N ASP B 87 15.56 5.16 8.54
CA ASP B 87 15.19 3.82 9.00
C ASP B 87 13.97 3.30 8.22
N GLN B 88 14.13 3.19 6.91
CA GLN B 88 13.13 2.57 6.04
C GLN B 88 13.69 1.28 5.46
N ALA B 89 12.93 0.20 5.56
CA ALA B 89 13.39 -1.08 5.03
C ALA B 89 13.42 -1.08 3.51
N MET B 90 12.39 -0.52 2.88
CA MET B 90 12.31 -0.49 1.42
C MET B 90 13.25 0.56 0.84
N ASP B 91 13.94 0.19 -0.24
CA ASP B 91 14.88 1.11 -0.87
C ASP B 91 14.16 2.33 -1.45
N LEU B 92 13.06 2.10 -2.17
CA LEU B 92 12.31 3.20 -2.77
C LEU B 92 10.84 2.82 -2.86
N ILE B 93 9.98 3.70 -2.37
CA ILE B 93 8.53 3.53 -2.46
C ILE B 93 8.01 4.56 -3.46
N ILE B 94 7.32 4.08 -4.49
CA ILE B 94 6.65 4.96 -5.44
C ILE B 94 5.22 5.13 -4.95
N GLY B 95 4.93 6.28 -4.35
CA GLY B 95 3.63 6.54 -3.78
C GLY B 95 2.66 7.14 -4.79
N LEU B 96 1.46 7.44 -4.29
CA LEU B 96 0.39 7.93 -5.14
C LEU B 96 0.74 9.28 -5.77
N ASP B 97 1.57 10.08 -5.08
CA ASP B 97 1.97 11.38 -5.61
C ASP B 97 2.63 11.25 -6.98
N GLN B 98 3.64 10.37 -7.09
CA GLN B 98 4.33 10.21 -8.36
C GLN B 98 3.55 9.34 -9.34
N LEU B 99 2.75 8.39 -8.84
CA LEU B 99 1.91 7.59 -9.71
C LEU B 99 0.91 8.46 -10.46
N LYS B 100 0.34 9.46 -9.79
CA LYS B 100 -0.60 10.36 -10.43
C LYS B 100 0.11 11.40 -11.29
N ARG B 101 1.25 11.92 -10.80
CA ARG B 101 1.95 12.98 -11.52
C ARG B 101 2.35 12.52 -12.92
N HIS B 102 2.72 11.26 -13.07
CA HIS B 102 3.16 10.72 -14.35
C HIS B 102 2.10 9.86 -15.02
N GLN B 103 0.86 9.92 -14.54
CA GLN B 103 -0.28 9.26 -15.17
C GLN B 103 -0.02 7.78 -15.41
N MET B 104 0.48 7.11 -14.37
CA MET B 104 0.82 5.71 -14.47
C MET B 104 -0.43 4.85 -14.36
N MET B 105 -0.28 3.58 -14.73
CA MET B 105 -1.36 2.61 -14.66
C MET B 105 -0.81 1.33 -14.06
N ILE B 106 -1.40 0.88 -12.96
CA ILE B 106 -1.03 -0.38 -12.34
C ILE B 106 -1.91 -1.45 -12.96
N ASP B 107 -1.36 -2.17 -13.94
CA ASP B 107 -2.09 -3.15 -14.72
C ASP B 107 -1.77 -4.53 -14.15
N LEU B 108 -2.73 -5.08 -13.39
CA LEU B 108 -2.58 -6.41 -12.82
C LEU B 108 -3.20 -7.49 -13.67
N LYS B 109 -3.88 -7.11 -14.76
CA LYS B 109 -4.27 -8.09 -15.77
C LYS B 109 -3.06 -8.55 -16.58
N HIS B 110 -2.17 -7.63 -16.90
CA HIS B 110 -0.97 -7.92 -17.67
C HIS B 110 0.31 -7.88 -16.83
N ASN B 111 0.21 -7.64 -15.53
CA ASN B 111 1.33 -7.71 -14.59
C ASN B 111 2.45 -6.73 -14.98
N CYS B 112 2.08 -5.46 -15.09
CA CYS B 112 3.05 -4.45 -15.49
C CYS B 112 2.59 -3.08 -15.01
N LEU B 113 3.57 -2.17 -14.89
CA LEU B 113 3.31 -0.76 -14.64
C LEU B 113 3.45 -0.02 -15.96
N THR B 114 2.40 0.68 -16.36
CA THR B 114 2.32 1.28 -17.69
C THR B 114 2.50 2.79 -17.61
N ILE B 115 3.48 3.31 -18.35
N ILE B 115 3.51 3.30 -18.31
CA ILE B 115 3.72 4.74 -18.50
CA ILE B 115 3.75 4.74 -18.42
C ILE B 115 3.88 5.03 -19.99
C ILE B 115 3.73 5.10 -19.90
N ASP B 116 2.99 5.87 -20.53
N ASP B 116 2.89 6.07 -20.26
CA ASP B 116 3.05 6.28 -21.93
CA ASP B 116 2.55 6.35 -21.65
C ASP B 116 3.04 5.08 -22.87
C ASP B 116 1.96 5.07 -22.22
N ASN B 117 2.16 4.12 -22.60
N ASN B 117 2.58 4.44 -23.22
CA ASN B 117 1.96 2.90 -23.38
CA ASN B 117 2.16 3.11 -23.68
C ASN B 117 3.20 2.00 -23.41
C ASN B 117 3.29 2.09 -23.54
N ILE B 118 4.23 2.33 -22.64
CA ILE B 118 5.36 1.45 -22.42
C ILE B 118 5.16 0.74 -21.09
N ASN B 119 5.39 -0.57 -21.07
CA ASN B 119 5.09 -1.40 -19.91
C ASN B 119 6.38 -1.82 -19.22
N VAL B 120 6.40 -1.71 -17.89
CA VAL B 120 7.47 -2.22 -17.04
C VAL B 120 6.90 -3.43 -16.30
N PRO B 121 7.29 -4.65 -16.65
CA PRO B 121 6.73 -5.82 -15.98
C PRO B 121 7.13 -5.83 -14.51
N PHE B 122 6.18 -6.19 -13.65
CA PHE B 122 6.47 -6.31 -12.23
C PHE B 122 7.45 -7.44 -12.01
N LEU B 123 8.40 -7.23 -11.11
CA LEU B 123 9.46 -8.20 -10.91
C LEU B 123 8.88 -9.49 -10.36
N PRO B 124 9.37 -10.65 -10.80
CA PRO B 124 8.93 -11.91 -10.21
C PRO B 124 9.43 -12.02 -8.77
N GLU B 125 8.82 -12.95 -8.03
CA GLU B 125 9.13 -13.10 -6.62
C GLU B 125 10.64 -13.28 -6.40
N ASN B 126 11.30 -14.01 -7.31
CA ASN B 126 12.72 -14.27 -7.16
C ASN B 126 13.56 -13.00 -7.26
N ASP B 127 13.10 -12.01 -8.02
CA ASP B 127 13.86 -10.78 -8.19
C ASP B 127 13.52 -9.72 -7.14
N LEU B 128 12.74 -10.08 -6.13
CA LEU B 128 12.39 -9.13 -5.08
C LEU B 128 13.53 -9.01 -4.07
N PRO B 129 13.64 -7.85 -3.41
CA PRO B 129 14.73 -7.66 -2.43
C PRO B 129 14.55 -8.53 -1.18
N ALA B 130 15.40 -8.28 -0.18
CA ALA B 130 15.41 -9.04 1.08
C ALA B 130 15.63 -10.53 0.83
N PHE C 2 2.59 22.71 1.46
CA PHE C 2 2.05 21.35 1.42
C PHE C 2 1.05 21.19 0.27
N ALA C 3 1.01 20.00 -0.30
CA ALA C 3 0.07 19.69 -1.39
C ALA C 3 -0.07 18.18 -1.46
N LYS C 4 -1.28 17.68 -1.21
CA LYS C 4 -1.53 16.25 -1.11
C LYS C 4 -2.51 15.81 -2.20
N VAL C 5 -2.25 14.63 -2.75
CA VAL C 5 -3.13 14.00 -3.73
C VAL C 5 -4.21 13.22 -2.99
N THR C 6 -5.39 13.13 -3.60
CA THR C 6 -6.50 12.41 -2.97
C THR C 6 -6.21 10.92 -2.99
N MET C 7 -6.40 10.27 -1.85
CA MET C 7 -6.20 8.83 -1.78
C MET C 7 -7.32 8.11 -2.53
N LEU C 8 -7.04 6.87 -2.93
CA LEU C 8 -7.91 6.14 -3.83
C LEU C 8 -9.03 5.44 -3.05
N TYR C 9 -10.27 5.82 -3.34
CA TYR C 9 -11.44 5.17 -2.79
C TYR C 9 -12.45 4.93 -3.92
N VAL C 10 -13.12 3.79 -3.88
CA VAL C 10 -14.15 3.46 -4.85
C VAL C 10 -15.43 3.12 -4.11
N PRO C 11 -16.60 3.50 -4.64
CA PRO C 11 -17.86 3.09 -4.00
C PRO C 11 -18.23 1.68 -4.41
N CYS C 12 -18.70 0.91 -3.44
CA CYS C 12 -19.18 -0.44 -3.70
C CYS C 12 -20.30 -0.76 -2.73
N THR C 13 -21.11 -1.74 -3.10
CA THR C 13 -22.25 -2.16 -2.31
C THR C 13 -22.07 -3.60 -1.88
N ILE C 14 -22.23 -3.86 -0.58
CA ILE C 14 -22.12 -5.19 0.00
C ILE C 14 -23.40 -5.45 0.79
N ASN C 15 -24.20 -6.41 0.32
CA ASN C 15 -25.52 -6.69 0.91
C ASN C 15 -26.37 -5.43 0.96
N GLN C 16 -26.40 -4.69 -0.15
CA GLN C 16 -27.17 -3.46 -0.32
C GLN C 16 -26.69 -2.35 0.61
N VAL C 17 -25.49 -2.47 1.19
CA VAL C 17 -24.92 -1.45 2.06
C VAL C 17 -23.76 -0.80 1.32
N LEU C 18 -23.83 0.53 1.18
CA LEU C 18 -22.77 1.26 0.49
C LEU C 18 -21.51 1.28 1.34
N VAL C 19 -20.38 0.89 0.74
CA VAL C 19 -19.08 0.86 1.40
C VAL C 19 -18.08 1.57 0.51
N LYS C 20 -17.29 2.46 1.12
CA LYS C 20 -16.22 3.17 0.42
C LYS C 20 -14.91 2.41 0.68
N ALA C 21 -14.42 1.74 -0.36
CA ALA C 21 -13.28 0.84 -0.22
C ALA C 21 -11.97 1.53 -0.57
N PHE C 22 -10.96 1.30 0.27
CA PHE C 22 -9.62 1.84 0.06
C PHE C 22 -8.83 0.90 -0.85
N VAL C 23 -8.27 1.45 -1.92
CA VAL C 23 -7.53 0.68 -2.91
C VAL C 23 -6.05 0.85 -2.59
N ASP C 24 -5.40 -0.25 -2.18
CA ASP C 24 -4.02 -0.24 -1.71
C ASP C 24 -3.24 -1.35 -2.41
N SER C 25 -2.45 -0.98 -3.42
CA SER C 25 -1.60 -1.95 -4.10
C SER C 25 -0.45 -2.42 -3.23
N GLY C 26 -0.11 -1.66 -2.18
CA GLY C 26 0.92 -2.05 -1.23
C GLY C 26 0.46 -2.95 -0.10
N ALA C 27 -0.83 -3.22 0.00
CA ALA C 27 -1.39 -4.07 1.04
C ALA C 27 -1.49 -5.51 0.55
N GLN C 28 -0.97 -6.44 1.35
CA GLN C 28 -1.00 -7.85 0.97
C GLN C 28 -2.42 -8.41 1.02
N ASN C 29 -3.18 -8.09 2.06
CA ASN C 29 -4.48 -8.71 2.30
C ASN C 29 -5.60 -7.68 2.26
N SER C 30 -6.77 -8.12 1.81
CA SER C 30 -7.97 -7.30 1.89
C SER C 30 -8.58 -7.42 3.28
N ILE C 31 -8.97 -6.29 3.86
CA ILE C 31 -9.39 -6.25 5.25
C ILE C 31 -10.63 -5.38 5.38
N MET C 32 -11.63 -5.88 6.10
CA MET C 32 -12.81 -5.13 6.48
C MET C 32 -12.85 -5.02 8.00
N ASN C 33 -13.22 -3.84 8.51
CA ASN C 33 -13.29 -3.71 9.95
C ASN C 33 -14.58 -4.32 10.49
N LYS C 34 -14.59 -4.62 11.79
CA LYS C 34 -15.72 -5.31 12.39
C LYS C 34 -17.00 -4.51 12.26
N ARG C 35 -16.92 -3.18 12.40
CA ARG C 35 -18.11 -2.35 12.34
C ARG C 35 -18.80 -2.47 10.98
N THR C 36 -18.03 -2.48 9.88
CA THR C 36 -18.63 -2.62 8.56
C THR C 36 -19.16 -4.02 8.34
N ALA C 37 -18.46 -5.04 8.85
CA ALA C 37 -18.94 -6.41 8.74
C ALA C 37 -20.29 -6.57 9.45
N GLU C 38 -20.43 -5.94 10.61
CA GLU C 38 -21.71 -5.95 11.32
C GLU C 38 -22.78 -5.18 10.54
N ARG C 39 -22.42 -3.99 10.04
CA ARG C 39 -23.39 -3.18 9.31
C ARG C 39 -23.89 -3.90 8.07
N CYS C 40 -23.02 -4.66 7.41
CA CYS C 40 -23.39 -5.43 6.22
C CYS C 40 -24.02 -6.78 6.55
N GLY C 41 -24.04 -7.17 7.82
CA GLY C 41 -24.62 -8.44 8.21
C GLY C 41 -23.81 -9.62 7.70
N LEU C 42 -22.50 -9.58 7.91
CA LEU C 42 -21.59 -10.59 7.41
C LEU C 42 -20.90 -11.40 8.50
N MET C 43 -21.16 -11.10 9.78
CA MET C 43 -20.42 -11.75 10.85
C MET C 43 -20.67 -13.25 10.88
N ARG C 44 -21.83 -13.69 10.39
CA ARG C 44 -22.11 -15.12 10.31
C ARG C 44 -21.22 -15.83 9.30
N LEU C 45 -20.67 -15.10 8.33
CA LEU C 45 -19.80 -15.68 7.32
C LEU C 45 -18.34 -15.71 7.74
N VAL C 46 -18.02 -15.20 8.93
CA VAL C 46 -16.64 -15.08 9.38
C VAL C 46 -16.17 -16.45 9.86
N ASP C 47 -15.08 -16.94 9.28
CA ASP C 47 -14.49 -18.19 9.70
C ASP C 47 -13.44 -17.91 10.77
N VAL C 48 -13.69 -18.38 11.98
CA VAL C 48 -12.78 -18.17 13.10
C VAL C 48 -11.78 -19.31 13.07
N ARG C 49 -10.50 -18.98 12.92
CA ARG C 49 -9.45 -19.96 12.70
C ARG C 49 -9.68 -20.72 11.40
N GLU C 61 -8.04 -12.22 10.65
CA GLU C 61 -6.96 -12.09 11.61
C GLU C 61 -7.48 -12.15 13.05
N ILE C 62 -7.79 -10.98 13.62
CA ILE C 62 -8.27 -10.94 15.01
C ILE C 62 -9.65 -11.60 15.13
N CYS C 63 -10.49 -11.44 14.11
CA CYS C 63 -11.84 -12.00 14.13
C CYS C 63 -12.00 -13.18 13.20
N GLY C 64 -11.40 -13.17 12.02
CA GLY C 64 -11.51 -14.28 11.11
C GLY C 64 -11.44 -13.82 9.66
N ARG C 65 -11.72 -14.76 8.77
CA ARG C 65 -11.66 -14.52 7.33
C ARG C 65 -13.00 -14.88 6.70
N ILE C 66 -13.47 -14.03 5.79
CA ILE C 66 -14.66 -14.32 4.98
C ILE C 66 -14.18 -14.87 3.64
N HIS C 67 -14.60 -16.09 3.33
CA HIS C 67 -14.04 -16.80 2.18
C HIS C 67 -14.62 -16.31 0.87
N MET C 68 -15.90 -15.95 0.84
CA MET C 68 -16.53 -15.50 -0.39
C MET C 68 -17.82 -14.74 -0.06
N THR C 69 -17.92 -13.53 -0.59
CA THR C 69 -19.15 -12.76 -0.49
C THR C 69 -19.25 -11.88 -1.73
N PRO C 70 -20.44 -11.70 -2.29
CA PRO C 70 -20.58 -10.85 -3.48
C PRO C 70 -20.42 -9.38 -3.12
N VAL C 71 -19.59 -8.67 -3.90
CA VAL C 71 -19.39 -7.24 -3.74
C VAL C 71 -19.80 -6.57 -5.04
N ASN C 72 -20.77 -5.66 -4.93
CA ASN C 72 -21.28 -4.91 -6.09
C ASN C 72 -20.37 -3.73 -6.38
N LEU C 73 -19.60 -3.83 -7.46
CA LEU C 73 -18.69 -2.76 -7.87
C LEU C 73 -18.93 -2.50 -9.35
N ALA C 74 -19.26 -1.25 -9.69
CA ALA C 74 -19.55 -0.84 -11.05
C ALA C 74 -20.73 -1.62 -11.64
N GLY C 75 -21.67 -2.03 -10.79
CA GLY C 75 -22.81 -2.80 -11.25
C GLY C 75 -22.59 -4.29 -11.35
N MET C 76 -21.39 -4.79 -11.10
CA MET C 76 -21.11 -6.22 -11.18
C MET C 76 -20.94 -6.79 -9.78
N TYR C 77 -21.38 -8.02 -9.59
CA TYR C 77 -21.25 -8.73 -8.33
C TYR C 77 -19.95 -9.54 -8.39
N ILE C 78 -18.93 -9.05 -7.72
CA ILE C 78 -17.61 -9.67 -7.72
CA ILE C 78 -17.61 -9.67 -7.72
C ILE C 78 -17.46 -10.48 -6.43
N PRO C 79 -17.11 -11.75 -6.48
CA PRO C 79 -16.86 -12.51 -5.26
C PRO C 79 -15.58 -12.05 -4.60
N PHE C 80 -15.68 -11.62 -3.34
CA PHE C 80 -14.53 -11.11 -2.60
C PHE C 80 -14.20 -12.01 -1.43
N ALA C 81 -12.93 -12.00 -1.06
CA ALA C 81 -12.44 -12.67 0.14
C ALA C 81 -11.59 -11.67 0.92
N PHE C 82 -11.79 -11.63 2.23
CA PHE C 82 -11.09 -10.65 3.04
C PHE C 82 -11.16 -11.06 4.51
N TYR C 83 -10.21 -10.54 5.28
CA TYR C 83 -10.22 -10.74 6.72
C TYR C 83 -11.12 -9.70 7.39
N VAL C 84 -11.53 -10.00 8.62
CA VAL C 84 -12.31 -9.08 9.45
C VAL C 84 -11.49 -8.75 10.68
N ILE C 85 -11.26 -7.46 10.92
CA ILE C 85 -10.47 -6.99 12.06
C ILE C 85 -11.26 -5.94 12.82
N GLU C 86 -11.03 -5.88 14.13
CA GLU C 86 -11.80 -4.98 14.99
C GLU C 86 -11.22 -3.57 14.97
N ASP C 87 -9.92 -3.44 15.21
CA ASP C 87 -9.29 -2.13 15.39
C ASP C 87 -8.65 -1.64 14.09
N GLN C 88 -9.47 -1.52 13.06
CA GLN C 88 -9.06 -0.95 11.79
C GLN C 88 -9.83 0.34 11.52
N ALA C 89 -9.09 1.40 11.16
CA ALA C 89 -9.74 2.66 10.84
C ALA C 89 -10.49 2.59 9.52
N MET C 90 -9.92 1.92 8.52
CA MET C 90 -10.53 1.82 7.21
C MET C 90 -11.71 0.84 7.24
N ASP C 91 -12.80 1.22 6.59
CA ASP C 91 -13.96 0.34 6.52
C ASP C 91 -13.63 -0.91 5.72
N LEU C 92 -13.01 -0.75 4.56
CA LEU C 92 -12.66 -1.87 3.70
C LEU C 92 -11.41 -1.53 2.91
N ILE C 93 -10.42 -2.42 2.96
CA ILE C 93 -9.20 -2.28 2.18
C ILE C 93 -9.23 -3.33 1.08
N ILE C 94 -9.12 -2.89 -0.17
CA ILE C 94 -8.97 -3.80 -1.30
C ILE C 94 -7.47 -3.92 -1.54
N GLY C 95 -6.90 -5.05 -1.10
CA GLY C 95 -5.47 -5.28 -1.21
C GLY C 95 -5.07 -5.92 -2.53
N LEU C 96 -3.77 -6.19 -2.64
CA LEU C 96 -3.21 -6.74 -3.87
C LEU C 96 -3.77 -8.12 -4.18
N ASP C 97 -4.14 -8.89 -3.15
CA ASP C 97 -4.70 -10.22 -3.36
C ASP C 97 -5.93 -10.16 -4.27
N GLN C 98 -6.89 -9.29 -3.94
CA GLN C 98 -8.10 -9.19 -4.74
C GLN C 98 -7.90 -8.37 -6.01
N LEU C 99 -6.98 -7.40 -5.99
CA LEU C 99 -6.67 -6.64 -7.19
C LEU C 99 -6.12 -7.55 -8.28
N LYS C 100 -5.28 -8.52 -7.89
CA LYS C 100 -4.72 -9.46 -8.86
C LYS C 100 -5.71 -10.56 -9.21
N ARG C 101 -6.47 -11.05 -8.22
CA ARG C 101 -7.39 -12.16 -8.47
C ARG C 101 -8.43 -11.80 -9.52
N HIS C 102 -8.88 -10.55 -9.52
CA HIS C 102 -9.89 -10.10 -10.47
C HIS C 102 -9.29 -9.29 -11.61
N GLN C 103 -7.96 -9.32 -11.76
CA GLN C 103 -7.26 -8.70 -12.88
C GLN C 103 -7.66 -7.23 -13.04
N MET C 104 -7.65 -6.52 -11.91
CA MET C 104 -8.04 -5.13 -11.90
C MET C 104 -6.91 -4.24 -12.41
N MET C 105 -7.26 -3.00 -12.72
CA MET C 105 -6.29 -2.01 -13.20
C MET C 105 -6.52 -0.69 -12.50
N ILE C 106 -5.50 -0.20 -11.82
CA ILE C 106 -5.56 1.10 -11.17
C ILE C 106 -5.09 2.12 -12.20
N ASP C 107 -6.05 2.80 -12.82
CA ASP C 107 -5.78 3.74 -13.92
C ASP C 107 -5.75 5.13 -13.33
N LEU C 108 -4.53 5.67 -13.18
CA LEU C 108 -4.34 7.02 -12.66
C LEU C 108 -4.21 8.06 -13.77
N LYS C 109 -4.18 7.62 -15.04
CA LYS C 109 -4.32 8.56 -16.14
C LYS C 109 -5.76 9.05 -16.26
N HIS C 110 -6.73 8.16 -16.08
CA HIS C 110 -8.14 8.49 -16.15
C HIS C 110 -8.82 8.51 -14.80
N ASN C 111 -8.08 8.26 -13.71
CA ASN C 111 -8.59 8.34 -12.34
C ASN C 111 -9.77 7.39 -12.13
N CYS C 112 -9.52 6.10 -12.40
CA CYS C 112 -10.56 5.10 -12.25
C CYS C 112 -9.94 3.74 -12.02
N LEU C 113 -10.73 2.85 -11.42
CA LEU C 113 -10.38 1.44 -11.25
C LEU C 113 -11.16 0.64 -12.29
N THR C 114 -10.44 -0.13 -13.10
CA THR C 114 -11.00 -0.85 -14.23
C THR C 114 -11.10 -2.34 -13.92
N ILE C 115 -12.29 -2.91 -14.13
CA ILE C 115 -12.55 -4.33 -13.93
C ILE C 115 -13.36 -4.82 -15.12
N ASP C 116 -12.76 -5.68 -15.95
CA ASP C 116 -13.44 -6.26 -17.11
C ASP C 116 -14.07 -5.20 -18.00
N ASN C 117 -13.24 -4.22 -18.40
CA ASN C 117 -13.60 -3.14 -19.30
C ASN C 117 -14.68 -2.21 -18.73
N ILE C 118 -14.97 -2.30 -17.43
CA ILE C 118 -15.82 -1.34 -16.74
C ILE C 118 -14.95 -0.59 -15.75
N ASN C 119 -15.06 0.74 -15.75
CA ASN C 119 -14.21 1.60 -14.94
C ASN C 119 -15.03 2.19 -13.80
N VAL C 120 -14.46 2.17 -12.59
CA VAL C 120 -15.05 2.76 -11.40
C VAL C 120 -14.25 4.03 -11.08
N PRO C 121 -14.82 5.22 -11.28
CA PRO C 121 -14.08 6.45 -10.97
C PRO C 121 -13.78 6.53 -9.49
N PHE C 122 -12.55 6.94 -9.17
CA PHE C 122 -12.16 7.13 -7.78
C PHE C 122 -12.93 8.31 -7.19
N LEU C 123 -13.34 8.16 -5.93
CA LEU C 123 -14.19 9.16 -5.30
C LEU C 123 -13.41 10.47 -5.12
N PRO C 124 -14.07 11.62 -5.31
CA PRO C 124 -13.42 12.89 -5.02
C PRO C 124 -13.15 13.05 -3.53
N GLU C 125 -12.28 14.00 -3.20
CA GLU C 125 -11.86 14.20 -1.82
C GLU C 125 -13.04 14.41 -0.88
N ASN C 126 -14.06 15.14 -1.33
CA ASN C 126 -15.21 15.41 -0.46
C ASN C 126 -15.99 14.14 -0.13
N ASP C 127 -16.07 13.20 -1.07
CA ASP C 127 -16.79 11.95 -0.86
C ASP C 127 -15.95 10.88 -0.18
N LEU C 128 -14.90 11.28 0.55
CA LEU C 128 -14.02 10.38 1.27
C LEU C 128 -14.41 10.30 2.74
N PRO C 129 -14.16 9.15 3.40
CA PRO C 129 -14.45 9.01 4.83
C PRO C 129 -13.54 9.89 5.70
N VAL D 5 13.42 -38.10 -14.81
CA VAL D 5 13.89 -36.72 -14.84
C VAL D 5 15.32 -36.64 -14.32
N THR D 6 16.12 -35.73 -14.89
CA THR D 6 17.51 -35.58 -14.48
C THR D 6 17.61 -34.94 -13.10
N MET D 7 18.43 -35.53 -12.24
CA MET D 7 18.67 -34.96 -10.91
C MET D 7 19.50 -33.69 -11.03
N LEU D 8 19.42 -32.86 -9.99
CA LEU D 8 20.01 -31.52 -10.03
C LEU D 8 21.49 -31.58 -9.67
N TYR D 9 22.34 -31.14 -10.59
CA TYR D 9 23.77 -30.99 -10.36
C TYR D 9 24.24 -29.66 -10.89
N VAL D 10 25.15 -29.02 -10.17
CA VAL D 10 25.73 -27.75 -10.60
C VAL D 10 27.25 -27.86 -10.64
N PRO D 11 27.92 -27.23 -11.60
CA PRO D 11 29.38 -27.24 -11.60
C PRO D 11 29.92 -26.17 -10.67
N CYS D 12 30.98 -26.54 -9.94
CA CYS D 12 31.65 -25.58 -9.08
C CYS D 12 33.12 -25.96 -9.00
N THR D 13 33.94 -24.98 -8.62
CA THR D 13 35.38 -25.14 -8.52
C THR D 13 35.81 -24.91 -7.08
N ILE D 14 36.57 -25.85 -6.52
CA ILE D 14 37.10 -25.76 -5.18
C ILE D 14 38.61 -25.96 -5.27
N ASN D 15 39.38 -24.91 -4.97
CA ASN D 15 40.84 -24.91 -5.13
C ASN D 15 41.25 -25.34 -6.53
N GLN D 16 40.58 -24.77 -7.54
CA GLN D 16 40.82 -25.02 -8.95
C GLN D 16 40.50 -26.46 -9.35
N VAL D 17 39.74 -27.18 -8.54
CA VAL D 17 39.34 -28.56 -8.84
C VAL D 17 37.86 -28.56 -9.18
N LEU D 18 37.52 -29.09 -10.35
CA LEU D 18 36.12 -29.15 -10.78
C LEU D 18 35.36 -30.16 -9.94
N VAL D 19 34.23 -29.73 -9.37
CA VAL D 19 33.38 -30.58 -8.56
C VAL D 19 31.94 -30.41 -9.04
N LYS D 20 31.26 -31.54 -9.25
CA LYS D 20 29.84 -31.54 -9.62
C LYS D 20 29.02 -31.76 -8.36
N ALA D 21 28.35 -30.71 -7.90
CA ALA D 21 27.67 -30.73 -6.61
C ALA D 21 26.20 -31.12 -6.77
N PHE D 22 25.74 -31.99 -5.87
CA PHE D 22 24.35 -32.43 -5.84
C PHE D 22 23.53 -31.43 -5.01
N VAL D 23 22.44 -30.95 -5.60
CA VAL D 23 21.57 -29.95 -4.97
C VAL D 23 20.40 -30.70 -4.36
N ASP D 24 20.31 -30.70 -3.03
CA ASP D 24 19.31 -31.48 -2.30
C ASP D 24 18.66 -30.58 -1.26
N SER D 25 17.45 -30.09 -1.55
CA SER D 25 16.71 -29.29 -0.59
C SER D 25 16.20 -30.13 0.58
N GLY D 26 16.13 -31.45 0.41
CA GLY D 26 15.73 -32.34 1.49
C GLY D 26 16.85 -32.76 2.41
N ALA D 27 18.09 -32.38 2.12
CA ALA D 27 19.23 -32.74 2.94
C ALA D 27 19.52 -31.65 3.96
N GLN D 28 19.63 -32.05 5.23
CA GLN D 28 19.88 -31.09 6.29
C GLN D 28 21.29 -30.50 6.20
N ASN D 29 22.30 -31.33 5.96
CA ASN D 29 23.68 -30.91 6.01
C ASN D 29 24.35 -31.04 4.65
N SER D 30 25.30 -30.14 4.39
CA SER D 30 26.16 -30.26 3.22
C SER D 30 27.31 -31.20 3.53
N ILE D 31 27.60 -32.13 2.61
CA ILE D 31 28.56 -33.19 2.84
C ILE D 31 29.44 -33.35 1.62
N MET D 32 30.75 -33.45 1.84
CA MET D 32 31.72 -33.78 0.80
C MET D 32 32.37 -35.11 1.15
N ASN D 33 32.58 -35.96 0.15
CA ASN D 33 33.21 -37.23 0.46
C ASN D 33 34.72 -37.08 0.61
N LYS D 34 35.34 -38.05 1.26
CA LYS D 34 36.76 -37.96 1.57
C LYS D 34 37.61 -37.89 0.31
N ARG D 35 37.22 -38.64 -0.73
CA ARG D 35 38.01 -38.65 -1.96
C ARG D 35 38.08 -37.26 -2.59
N THR D 36 36.96 -36.53 -2.63
CA THR D 36 36.98 -35.19 -3.20
C THR D 36 37.73 -34.23 -2.30
N ALA D 37 37.58 -34.37 -0.98
CA ALA D 37 38.32 -33.52 -0.05
C ALA D 37 39.82 -33.70 -0.21
N GLU D 38 40.28 -34.93 -0.42
CA GLU D 38 41.71 -35.17 -0.67
C GLU D 38 42.13 -34.55 -2.00
N ARG D 39 41.36 -34.79 -3.06
CA ARG D 39 41.70 -34.26 -4.37
C ARG D 39 41.72 -32.73 -4.37
N CYS D 40 40.86 -32.10 -3.57
CA CYS D 40 40.86 -30.65 -3.47
C CYS D 40 41.90 -30.12 -2.49
N GLY D 41 42.57 -31.00 -1.76
CA GLY D 41 43.58 -30.59 -0.80
C GLY D 41 42.99 -29.85 0.38
N LEU D 42 41.92 -30.41 0.96
CA LEU D 42 41.20 -29.76 2.05
C LEU D 42 41.28 -30.53 3.36
N MET D 43 41.93 -31.68 3.40
CA MET D 43 41.89 -32.50 4.61
C MET D 43 42.54 -31.80 5.79
N ARG D 44 43.46 -30.88 5.54
CA ARG D 44 44.07 -30.11 6.61
C ARG D 44 43.07 -29.19 7.30
N LEU D 45 41.98 -28.80 6.63
CA LEU D 45 40.98 -27.92 7.20
C LEU D 45 39.90 -28.67 7.97
N VAL D 46 40.00 -30.00 8.04
CA VAL D 46 38.95 -30.82 8.64
C VAL D 46 39.09 -30.78 10.16
N ASP D 47 38.03 -30.37 10.84
CA ASP D 47 37.97 -30.38 12.30
C ASP D 47 37.40 -31.72 12.72
N VAL D 48 38.20 -32.54 13.42
CA VAL D 48 37.81 -33.90 13.76
C VAL D 48 37.02 -33.95 15.05
N ARG D 49 36.68 -32.79 15.60
CA ARG D 49 35.92 -32.74 16.85
C ARG D 49 34.44 -32.46 16.61
N GLN D 60 33.41 -44.10 13.46
CA GLN D 60 32.32 -43.38 12.81
C GLN D 60 32.73 -42.92 11.41
N GLU D 61 31.73 -42.73 10.55
CA GLU D 61 32.01 -42.37 9.17
C GLU D 61 32.43 -40.91 9.02
N ILE D 62 31.99 -40.04 9.93
CA ILE D 62 32.25 -38.61 9.81
C ILE D 62 33.73 -38.36 10.08
N CYS D 63 34.47 -37.95 9.04
CA CYS D 63 35.85 -37.52 9.23
C CYS D 63 35.94 -36.24 10.03
N GLY D 64 34.99 -35.35 9.84
CA GLY D 64 34.97 -34.08 10.53
C GLY D 64 34.23 -33.04 9.71
N ARG D 65 34.33 -31.79 10.16
CA ARG D 65 33.62 -30.69 9.53
C ARG D 65 34.61 -29.60 9.11
N ILE D 66 34.42 -29.08 7.90
CA ILE D 66 35.18 -27.93 7.41
C ILE D 66 34.32 -26.69 7.63
N HIS D 67 34.82 -25.75 8.43
CA HIS D 67 33.99 -24.63 8.85
C HIS D 67 33.85 -23.56 7.78
N MET D 68 34.89 -23.33 6.97
CA MET D 68 34.84 -22.27 5.96
C MET D 68 35.89 -22.56 4.91
N THR D 69 35.47 -22.63 3.65
CA THR D 69 36.38 -22.74 2.52
C THR D 69 35.73 -22.06 1.32
N PRO D 70 36.50 -21.37 0.49
CA PRO D 70 35.91 -20.71 -0.69
C PRO D 70 35.54 -21.72 -1.76
N VAL D 71 34.32 -21.59 -2.28
CA VAL D 71 33.83 -22.42 -3.37
C VAL D 71 33.48 -21.51 -4.53
N ASN D 72 34.10 -21.76 -5.69
CA ASN D 72 33.82 -20.97 -6.89
C ASN D 72 32.55 -21.52 -7.52
N LEU D 73 31.44 -20.82 -7.30
CA LEU D 73 30.15 -21.24 -7.85
C LEU D 73 29.48 -20.00 -8.42
N ALA D 74 29.04 -20.11 -9.68
CA ALA D 74 28.45 -18.99 -10.41
C ALA D 74 29.47 -17.86 -10.61
N GLY D 75 30.75 -18.21 -10.67
CA GLY D 75 31.81 -17.24 -10.88
C GLY D 75 32.23 -16.49 -9.63
N MET D 76 31.53 -16.69 -8.51
CA MET D 76 31.83 -16.00 -7.27
C MET D 76 32.40 -16.98 -6.26
N TYR D 77 33.25 -16.48 -5.38
CA TYR D 77 33.85 -17.29 -4.32
C TYR D 77 32.95 -17.20 -3.10
N ILE D 78 32.14 -18.24 -2.90
CA ILE D 78 31.15 -18.29 -1.83
C ILE D 78 31.73 -19.11 -0.67
N PRO D 79 31.71 -18.61 0.55
CA PRO D 79 32.20 -19.40 1.69
C PRO D 79 31.26 -20.54 2.02
N PHE D 80 31.78 -21.77 2.01
CA PHE D 80 30.98 -22.95 2.27
C PHE D 80 31.44 -23.63 3.56
N ALA D 81 30.51 -24.32 4.20
CA ALA D 81 30.79 -25.19 5.34
C ALA D 81 30.13 -26.53 5.09
N PHE D 82 30.85 -27.61 5.38
CA PHE D 82 30.32 -28.94 5.11
C PHE D 82 31.11 -29.97 5.91
N TYR D 83 30.48 -31.13 6.10
CA TYR D 83 31.14 -32.26 6.73
C TYR D 83 31.92 -33.05 5.68
N VAL D 84 32.87 -33.85 6.15
CA VAL D 84 33.64 -34.75 5.30
C VAL D 84 33.38 -36.18 5.77
N ILE D 85 32.93 -37.03 4.85
CA ILE D 85 32.63 -38.43 5.14
C ILE D 85 33.32 -39.28 4.08
N GLU D 86 33.69 -40.50 4.44
CA GLU D 86 34.46 -41.32 3.52
C GLU D 86 33.60 -42.10 2.53
N ASP D 87 32.60 -42.83 3.02
CA ASP D 87 31.84 -43.76 2.18
C ASP D 87 30.53 -43.12 1.70
N GLN D 88 30.69 -42.02 0.97
CA GLN D 88 29.58 -41.34 0.31
C GLN D 88 29.77 -41.42 -1.20
N ALA D 89 28.71 -41.81 -1.91
CA ALA D 89 28.78 -41.87 -3.37
C ALA D 89 28.89 -40.49 -3.97
N MET D 90 28.17 -39.52 -3.42
CA MET D 90 28.18 -38.16 -3.95
C MET D 90 29.49 -37.45 -3.60
N ASP D 91 30.06 -36.75 -4.59
CA ASP D 91 31.27 -35.98 -4.34
C ASP D 91 30.99 -34.83 -3.38
N LEU D 92 29.92 -34.08 -3.63
CA LEU D 92 29.55 -32.95 -2.80
C LEU D 92 28.04 -32.79 -2.83
N ILE D 93 27.44 -32.72 -1.64
CA ILE D 93 26.01 -32.48 -1.49
C ILE D 93 25.83 -31.07 -0.96
N ILE D 94 25.09 -30.24 -1.70
CA ILE D 94 24.72 -28.92 -1.22
C ILE D 94 23.35 -29.07 -0.57
N GLY D 95 23.34 -29.11 0.77
CA GLY D 95 22.12 -29.32 1.51
C GLY D 95 21.39 -28.03 1.82
N LEU D 96 20.28 -28.19 2.55
CA LEU D 96 19.44 -27.04 2.87
C LEU D 96 20.17 -26.01 3.72
N ASP D 97 21.15 -26.45 4.53
CA ASP D 97 21.90 -25.52 5.36
C ASP D 97 22.54 -24.43 4.52
N GLN D 98 23.31 -24.81 3.49
CA GLN D 98 24.01 -23.82 2.68
C GLN D 98 23.09 -23.13 1.68
N LEU D 99 22.03 -23.82 1.24
CA LEU D 99 21.06 -23.19 0.35
C LEU D 99 20.40 -21.99 1.01
N LYS D 100 20.11 -22.10 2.32
CA LYS D 100 19.48 -21.00 3.04
C LYS D 100 20.48 -19.90 3.42
N ARG D 101 21.70 -20.28 3.82
CA ARG D 101 22.66 -19.27 4.26
C ARG D 101 22.99 -18.29 3.16
N HIS D 102 23.04 -18.76 1.92
CA HIS D 102 23.38 -17.91 0.79
C HIS D 102 22.15 -17.52 -0.01
N GLN D 103 20.96 -17.75 0.55
CA GLN D 103 19.70 -17.30 -0.04
C GLN D 103 19.60 -17.72 -1.50
N MET D 104 19.90 -19.00 -1.74
CA MET D 104 19.89 -19.54 -3.09
C MET D 104 18.46 -19.80 -3.55
N MET D 105 18.32 -20.02 -4.85
CA MET D 105 17.01 -20.27 -5.45
C MET D 105 17.13 -21.43 -6.42
N ILE D 106 16.37 -22.48 -6.18
CA ILE D 106 16.31 -23.63 -7.08
C ILE D 106 15.20 -23.32 -8.08
N ASP D 107 15.58 -22.83 -9.25
CA ASP D 107 14.63 -22.39 -10.28
C ASP D 107 14.48 -23.52 -11.28
N LEU D 108 13.36 -24.24 -11.19
CA LEU D 108 13.06 -25.34 -12.10
C LEU D 108 12.18 -24.90 -13.26
N LYS D 109 11.72 -23.65 -13.27
CA LYS D 109 11.11 -23.09 -14.46
C LYS D 109 12.16 -22.78 -15.52
N HIS D 110 13.31 -22.27 -15.09
CA HIS D 110 14.42 -21.96 -16.00
C HIS D 110 15.58 -22.93 -15.90
N ASN D 111 15.47 -23.96 -15.05
CA ASN D 111 16.49 -25.02 -14.93
C ASN D 111 17.85 -24.44 -14.54
N CYS D 112 17.87 -23.73 -13.42
CA CYS D 112 19.11 -23.13 -12.95
C CYS D 112 19.04 -22.91 -11.46
N LEU D 113 20.21 -22.83 -10.84
CA LEU D 113 20.37 -22.44 -9.45
C LEU D 113 20.83 -20.99 -9.41
N THR D 114 20.08 -20.15 -8.70
CA THR D 114 20.31 -18.71 -8.69
C THR D 114 20.93 -18.31 -7.36
N ILE D 115 22.00 -17.51 -7.42
CA ILE D 115 22.69 -17.00 -6.23
C ILE D 115 23.03 -15.54 -6.51
N ASP D 116 22.35 -14.62 -5.81
CA ASP D 116 22.63 -13.19 -5.89
C ASP D 116 22.60 -12.70 -7.34
N ASN D 117 21.52 -13.04 -8.04
CA ASN D 117 21.21 -12.64 -9.42
C ASN D 117 22.06 -13.33 -10.48
N ILE D 118 22.90 -14.31 -10.12
CA ILE D 118 23.64 -15.10 -11.08
C ILE D 118 23.05 -16.49 -11.11
N ASN D 119 22.81 -17.03 -12.30
CA ASN D 119 22.17 -18.32 -12.47
C ASN D 119 23.20 -19.35 -12.92
N VAL D 120 23.16 -20.53 -12.30
CA VAL D 120 23.99 -21.67 -12.66
C VAL D 120 23.10 -22.71 -13.32
N PRO D 121 23.20 -22.92 -14.63
CA PRO D 121 22.36 -23.94 -15.27
C PRO D 121 22.68 -25.32 -14.73
N PHE D 122 21.64 -26.08 -14.45
CA PHE D 122 21.83 -27.45 -13.99
C PHE D 122 22.42 -28.30 -15.10
N LEU D 123 23.34 -29.19 -14.75
CA LEU D 123 24.07 -29.95 -15.74
C LEU D 123 23.13 -30.88 -16.50
N PRO D 124 23.32 -31.05 -17.80
CA PRO D 124 22.52 -32.02 -18.55
C PRO D 124 22.84 -33.44 -18.13
N GLU D 125 21.95 -34.37 -18.53
CA GLU D 125 22.08 -35.76 -18.11
C GLU D 125 23.44 -36.35 -18.48
N ASN D 126 23.97 -35.98 -19.65
CA ASN D 126 25.25 -36.53 -20.08
C ASN D 126 26.39 -36.05 -19.20
N ASP D 127 26.30 -34.83 -18.65
CA ASP D 127 27.33 -34.26 -17.80
C ASP D 127 27.14 -34.61 -16.33
N LEU D 128 26.55 -35.76 -16.03
CA LEU D 128 26.30 -36.19 -14.67
C LEU D 128 27.27 -37.28 -14.25
N PRO D 129 27.63 -37.35 -12.94
CA PRO D 129 28.50 -38.41 -12.43
C PRO D 129 27.95 -39.81 -12.66
N LYS E 4 -10.78 26.44 21.94
CA LYS E 4 -10.72 27.29 20.78
C LYS E 4 -10.18 26.53 19.57
N VAL E 5 -10.97 26.48 18.50
CA VAL E 5 -10.55 25.75 17.31
C VAL E 5 -9.62 26.63 16.47
N THR E 6 -8.70 25.97 15.77
CA THR E 6 -7.70 26.67 14.97
C THR E 6 -8.27 27.31 13.72
N MET E 7 -7.85 28.55 13.46
CA MET E 7 -8.22 29.27 12.26
C MET E 7 -7.56 28.65 11.02
N LEU E 8 -8.19 28.87 9.88
CA LEU E 8 -7.79 28.22 8.64
C LEU E 8 -6.68 29.02 7.99
N TYR E 9 -5.51 28.39 7.84
CA TYR E 9 -4.39 28.96 7.13
C TYR E 9 -3.82 27.89 6.21
N VAL E 10 -3.42 28.30 5.01
CA VAL E 10 -2.82 27.39 4.05
C VAL E 10 -1.47 27.95 3.61
N PRO E 11 -0.47 27.10 3.41
CA PRO E 11 0.82 27.59 2.91
C PRO E 11 0.81 27.75 1.40
N CYS E 12 1.39 28.86 0.94
CA CYS E 12 1.55 29.11 -0.49
C CYS E 12 2.80 29.96 -0.68
N THR E 13 3.32 29.94 -1.91
CA THR E 13 4.51 30.71 -2.26
C THR E 13 4.13 31.72 -3.33
N ILE E 14 4.55 32.97 -3.14
CA ILE E 14 4.29 34.06 -4.07
C ILE E 14 5.64 34.63 -4.44
N ASN E 15 6.03 34.48 -5.71
CA ASN E 15 7.37 34.84 -6.17
C ASN E 15 8.42 34.12 -5.32
N GLN E 16 8.19 32.82 -5.10
CA GLN E 16 9.08 31.95 -4.32
C GLN E 16 9.15 32.40 -2.86
N VAL E 17 8.19 33.20 -2.41
CA VAL E 17 8.14 33.66 -1.02
C VAL E 17 6.99 32.95 -0.32
N LEU E 18 7.31 32.23 0.76
CA LEU E 18 6.30 31.50 1.50
C LEU E 18 5.38 32.46 2.22
N VAL E 19 4.08 32.30 1.98
CA VAL E 19 3.06 33.15 2.60
C VAL E 19 1.97 32.26 3.19
N LYS E 20 1.57 32.54 4.43
CA LYS E 20 0.46 31.81 5.05
C LYS E 20 -0.81 32.64 4.88
N ALA E 21 -1.70 32.15 4.02
CA ALA E 21 -2.89 32.88 3.64
C ALA E 21 -4.09 32.49 4.51
N PHE E 22 -4.84 33.49 4.94
CA PHE E 22 -6.03 33.28 5.74
C PHE E 22 -7.23 32.98 4.85
N VAL E 23 -7.94 31.90 5.13
CA VAL E 23 -9.09 31.46 4.36
C VAL E 23 -10.35 31.92 5.09
N ASP E 24 -11.09 32.86 4.49
CA ASP E 24 -12.28 33.50 5.07
C ASP E 24 -13.36 33.50 3.98
N SER E 25 -14.35 32.60 4.10
CA SER E 25 -15.42 32.54 3.12
C SER E 25 -16.40 33.71 3.20
N GLY E 26 -16.48 34.39 4.35
CA GLY E 26 -17.31 35.57 4.57
C GLY E 26 -16.66 36.89 4.21
N ALA E 27 -15.41 36.86 3.76
CA ALA E 27 -14.77 38.09 3.32
C ALA E 27 -15.02 38.27 1.82
N GLN E 28 -15.51 39.45 1.45
CA GLN E 28 -15.83 39.69 0.05
C GLN E 28 -14.58 39.73 -0.81
N ASN E 29 -13.54 40.42 -0.35
CA ASN E 29 -12.37 40.66 -1.16
C ASN E 29 -11.14 40.02 -0.52
N SER E 30 -10.21 39.59 -1.37
CA SER E 30 -8.92 39.13 -0.93
C SER E 30 -7.99 40.30 -0.70
N ILE E 31 -7.25 40.26 0.41
CA ILE E 31 -6.43 41.40 0.84
C ILE E 31 -5.08 40.88 1.31
N MET E 32 -4.01 41.52 0.85
CA MET E 32 -2.66 41.29 1.34
C MET E 32 -2.13 42.57 1.97
N ASN E 33 -1.42 42.44 3.09
CA ASN E 33 -0.88 43.62 3.74
C ASN E 33 0.37 44.12 3.01
N LYS E 34 0.70 45.38 3.26
CA LYS E 34 1.79 46.04 2.53
C LYS E 34 3.12 45.34 2.78
N ARG E 35 3.36 44.87 4.01
CA ARG E 35 4.63 44.23 4.34
C ARG E 35 4.87 42.99 3.47
N THR E 36 3.84 42.18 3.27
CA THR E 36 4.00 40.98 2.44
C THR E 36 4.16 41.35 0.97
N ALA E 37 3.43 42.38 0.51
CA ALA E 37 3.56 42.82 -0.87
C ALA E 37 4.98 43.29 -1.17
N GLU E 38 5.61 43.99 -0.22
CA GLU E 38 7.00 44.40 -0.40
C GLU E 38 7.92 43.19 -0.41
N ARG E 39 7.74 42.26 0.54
CA ARG E 39 8.59 41.08 0.61
C ARG E 39 8.46 40.22 -0.65
N CYS E 40 7.27 40.16 -1.24
CA CYS E 40 7.07 39.41 -2.46
C CYS E 40 7.46 40.17 -3.72
N GLY E 41 7.77 41.46 -3.60
CA GLY E 41 8.16 42.25 -4.76
C GLY E 41 7.03 42.46 -5.75
N LEU E 42 5.86 42.87 -5.24
CA LEU E 42 4.67 43.02 -6.07
C LEU E 42 4.17 44.46 -6.14
N MET E 43 4.83 45.41 -5.47
CA MET E 43 4.31 46.77 -5.41
C MET E 43 4.26 47.43 -6.78
N ARG E 44 5.12 47.00 -7.71
CA ARG E 44 5.10 47.54 -9.05
C ARG E 44 3.82 47.20 -9.81
N LEU E 45 3.13 46.12 -9.43
CA LEU E 45 1.91 45.67 -10.07
C LEU E 45 0.64 46.29 -9.50
N VAL E 46 0.77 47.17 -8.49
CA VAL E 46 -0.40 47.71 -7.80
C VAL E 46 -1.02 48.81 -8.65
N ASP E 47 -2.29 48.65 -9.01
CA ASP E 47 -3.04 49.66 -9.74
C ASP E 47 -3.81 50.53 -8.74
N VAL E 48 -3.49 51.82 -8.71
CA VAL E 48 -4.12 52.72 -7.76
C VAL E 48 -5.43 53.27 -8.35
N CYS E 63 -4.77 51.33 -0.75
CA CYS E 63 -3.45 51.50 -1.36
C CYS E 63 -3.49 51.18 -2.85
N GLY E 64 -4.27 50.18 -3.22
CA GLY E 64 -4.42 49.82 -4.62
C GLY E 64 -4.77 48.35 -4.78
N ARG E 65 -4.82 47.93 -6.04
CA ARG E 65 -5.22 46.58 -6.42
C ARG E 65 -4.18 45.95 -7.33
N ILE E 66 -3.88 44.68 -7.07
CA ILE E 66 -3.08 43.85 -7.97
C ILE E 66 -4.03 43.01 -8.81
N HIS E 67 -3.98 43.19 -10.14
CA HIS E 67 -4.99 42.58 -11.00
C HIS E 67 -4.71 41.10 -11.24
N MET E 68 -3.45 40.70 -11.33
CA MET E 68 -3.11 39.31 -11.61
C MET E 68 -1.67 39.06 -11.22
N THR E 69 -1.44 38.04 -10.38
CA THR E 69 -0.10 37.60 -10.06
C THR E 69 -0.14 36.10 -9.81
N PRO E 70 0.88 35.36 -10.23
CA PRO E 70 0.87 33.91 -10.01
C PRO E 70 1.11 33.58 -8.55
N VAL E 71 0.26 32.73 -7.99
CA VAL E 71 0.41 32.22 -6.63
C VAL E 71 0.48 30.70 -6.70
N ASN E 72 1.55 30.14 -6.15
CA ASN E 72 1.71 28.68 -6.13
C ASN E 72 0.89 28.14 -4.97
N LEU E 73 -0.28 27.59 -5.28
CA LEU E 73 -1.17 27.04 -4.27
C LEU E 73 -1.69 25.70 -4.77
N ALA E 74 -1.57 24.67 -3.94
CA ALA E 74 -1.93 23.30 -4.30
C ALA E 74 -1.08 22.77 -5.45
N GLY E 75 0.16 23.26 -5.56
CA GLY E 75 1.07 22.83 -6.59
C GLY E 75 0.89 23.53 -7.93
N MET E 76 -0.12 24.38 -8.08
CA MET E 76 -0.39 25.08 -9.31
C MET E 76 -0.10 26.57 -9.16
N TYR E 77 0.31 27.21 -10.26
CA TYR E 77 0.51 28.66 -10.27
C TYR E 77 -0.83 29.29 -10.65
N ILE E 78 -1.58 29.67 -9.63
CA ILE E 78 -2.97 30.11 -9.78
C ILE E 78 -2.99 31.62 -9.91
N PRO E 79 -3.64 32.18 -10.93
CA PRO E 79 -3.71 33.65 -11.05
C PRO E 79 -4.66 34.21 -9.99
N PHE E 80 -4.14 35.10 -9.15
CA PHE E 80 -4.91 35.67 -8.06
C PHE E 80 -5.00 37.18 -8.21
N ALA E 81 -6.08 37.76 -7.69
CA ALA E 81 -6.26 39.20 -7.63
C ALA E 81 -6.66 39.61 -6.22
N PHE E 82 -6.08 40.69 -5.72
CA PHE E 82 -6.32 41.11 -4.35
C PHE E 82 -5.90 42.56 -4.18
N TYR E 83 -6.46 43.20 -3.14
CA TYR E 83 -6.04 44.53 -2.74
C TYR E 83 -4.85 44.45 -1.79
N VAL E 84 -4.15 45.57 -1.68
CA VAL E 84 -3.04 45.73 -0.74
C VAL E 84 -3.39 46.86 0.22
N ILE E 85 -3.33 46.57 1.52
CA ILE E 85 -3.64 47.55 2.56
C ILE E 85 -2.48 47.57 3.55
N GLU E 86 -2.31 48.70 4.24
CA GLU E 86 -1.15 48.86 5.10
C GLU E 86 -1.35 48.21 6.47
N ASP E 87 -2.45 48.51 7.15
CA ASP E 87 -2.62 48.12 8.54
C ASP E 87 -3.46 46.84 8.66
N GLN E 88 -2.95 45.76 8.07
CA GLN E 88 -3.53 44.43 8.21
C GLN E 88 -2.57 43.53 8.96
N ALA E 89 -3.07 42.85 10.00
CA ALA E 89 -2.22 41.94 10.75
C ALA E 89 -1.90 40.69 9.95
N MET E 90 -2.90 40.14 9.28
CA MET E 90 -2.71 38.93 8.49
C MET E 90 -2.01 39.25 7.17
N ASP E 91 -1.06 38.39 6.78
CA ASP E 91 -0.30 38.60 5.57
C ASP E 91 -1.18 38.56 4.32
N LEU E 92 -2.06 37.56 4.22
CA LEU E 92 -2.90 37.42 3.03
C LEU E 92 -4.23 36.80 3.41
N ILE E 93 -5.31 37.42 2.95
CA ILE E 93 -6.67 36.92 3.14
C ILE E 93 -7.17 36.39 1.80
N ILE E 94 -7.58 35.13 1.78
CA ILE E 94 -8.24 34.55 0.61
C ILE E 94 -9.75 34.69 0.83
N GLY E 95 -10.35 35.67 0.16
CA GLY E 95 -11.76 35.97 0.33
C GLY E 95 -12.67 35.17 -0.59
N LEU E 96 -13.96 35.48 -0.48
CA LEU E 96 -14.96 34.75 -1.27
C LEU E 96 -14.79 34.97 -2.76
N ASP E 97 -14.28 36.14 -3.16
CA ASP E 97 -14.07 36.42 -4.57
C ASP E 97 -13.17 35.36 -5.22
N GLN E 98 -12.03 35.08 -4.60
CA GLN E 98 -11.09 34.14 -5.17
C GLN E 98 -11.46 32.69 -4.91
N LEU E 99 -12.14 32.43 -3.79
CA LEU E 99 -12.60 31.06 -3.49
C LEU E 99 -13.57 30.55 -4.55
N LYS E 100 -14.48 31.41 -5.01
CA LYS E 100 -15.44 31.00 -6.02
C LYS E 100 -14.82 30.96 -7.42
N ARG E 101 -13.95 31.93 -7.73
CA ARG E 101 -13.39 32.02 -9.07
C ARG E 101 -12.63 30.76 -9.45
N HIS E 102 -11.94 30.16 -8.49
CA HIS E 102 -11.17 28.94 -8.75
C HIS E 102 -11.89 27.68 -8.23
N GLN E 103 -13.17 27.79 -7.90
CA GLN E 103 -14.01 26.65 -7.55
C GLN E 103 -13.39 25.83 -6.41
N MET E 104 -12.96 26.53 -5.37
CA MET E 104 -12.32 25.87 -4.25
C MET E 104 -13.36 25.23 -3.33
N MET E 105 -12.90 24.37 -2.45
CA MET E 105 -13.75 23.69 -1.48
C MET E 105 -13.06 23.73 -0.13
N ILE E 106 -13.73 24.33 0.86
CA ILE E 106 -13.22 24.36 2.23
C ILE E 106 -13.74 23.09 2.90
N ASP E 107 -12.90 22.07 2.97
CA ASP E 107 -13.28 20.76 3.48
C ASP E 107 -12.81 20.66 4.93
N LEU E 108 -13.75 20.81 5.86
CA LEU E 108 -13.45 20.68 7.28
C LEU E 108 -13.73 19.29 7.82
N LYS E 109 -14.26 18.40 6.98
CA LYS E 109 -14.30 16.98 7.34
C LYS E 109 -12.90 16.38 7.26
N HIS E 110 -12.12 16.78 6.25
CA HIS E 110 -10.76 16.31 6.07
C HIS E 110 -9.72 17.38 6.39
N ASN E 111 -10.16 18.57 6.81
CA ASN E 111 -9.27 19.65 7.26
C ASN E 111 -8.28 20.05 6.15
N CYS E 112 -8.83 20.41 5.00
CA CYS E 112 -7.98 20.78 3.87
C CYS E 112 -8.76 21.68 2.93
N LEU E 113 -8.02 22.46 2.15
CA LEU E 113 -8.57 23.25 1.06
C LEU E 113 -8.29 22.53 -0.26
N THR E 114 -9.34 22.26 -1.01
CA THR E 114 -9.26 21.42 -2.20
C THR E 114 -9.37 22.28 -3.46
N ILE E 115 -8.42 22.13 -4.37
CA ILE E 115 -8.42 22.79 -5.67
C ILE E 115 -8.09 21.76 -6.73
N ASP E 116 -9.03 21.49 -7.63
CA ASP E 116 -8.83 20.55 -8.74
C ASP E 116 -8.40 19.17 -8.22
N ASN E 117 -9.05 18.73 -7.14
CA ASN E 117 -8.83 17.44 -6.48
C ASN E 117 -7.46 17.33 -5.83
N ILE E 118 -6.72 18.43 -5.69
CA ILE E 118 -5.51 18.48 -4.88
C ILE E 118 -5.84 19.19 -3.58
N ASN E 119 -5.40 18.61 -2.46
CA ASN E 119 -5.75 19.10 -1.14
C ASN E 119 -4.57 19.80 -0.48
N VAL E 120 -4.84 20.95 0.12
CA VAL E 120 -3.88 21.69 0.92
C VAL E 120 -4.30 21.58 2.38
N PRO E 121 -3.60 20.80 3.20
CA PRO E 121 -3.98 20.67 4.60
C PRO E 121 -3.87 22.00 5.33
N PHE E 122 -4.87 22.30 6.15
CA PHE E 122 -4.83 23.51 6.96
C PHE E 122 -3.71 23.41 7.99
N LEU E 123 -3.00 24.53 8.19
CA LEU E 123 -1.83 24.52 9.05
C LEU E 123 -2.22 24.21 10.50
N PRO E 124 -1.40 23.47 11.22
CA PRO E 124 -1.69 23.20 12.63
C PRO E 124 -1.61 24.47 13.47
N GLU E 125 -2.15 24.38 14.68
CA GLU E 125 -2.25 25.54 15.57
C GLU E 125 -0.91 26.19 15.79
N ASN E 126 0.16 25.39 15.92
CA ASN E 126 1.49 25.96 16.16
C ASN E 126 2.00 26.74 14.96
N ASP E 127 1.64 26.32 13.75
CA ASP E 127 2.18 26.92 12.52
C ASP E 127 1.33 28.08 12.01
N LEU E 128 0.89 28.97 12.90
CA LEU E 128 0.11 30.14 12.52
C LEU E 128 0.63 31.35 13.27
N PRO E 129 0.59 32.54 12.64
CA PRO E 129 1.05 33.77 13.28
C PRO E 129 0.25 34.13 14.53
N VAL F 5 -19.70 39.27 -6.61
CA VAL F 5 -20.11 37.97 -6.09
C VAL F 5 -20.95 37.95 -4.81
N THR F 6 -21.88 36.98 -4.83
CA THR F 6 -22.87 36.79 -3.77
C THR F 6 -22.26 36.16 -2.53
N MET F 7 -22.55 36.74 -1.36
CA MET F 7 -22.11 36.17 -0.11
C MET F 7 -22.88 34.88 0.21
N LEU F 8 -22.28 34.05 1.06
CA LEU F 8 -22.81 32.72 1.31
C LEU F 8 -23.89 32.78 2.39
N TYR F 9 -25.10 32.36 2.04
CA TYR F 9 -26.21 32.22 2.98
C TYR F 9 -26.87 30.87 2.79
N VAL F 10 -27.30 30.27 3.90
CA VAL F 10 -27.95 28.97 3.88
C VAL F 10 -29.31 29.07 4.55
N PRO F 11 -30.34 28.39 4.04
CA PRO F 11 -31.63 28.38 4.75
C PRO F 11 -31.67 27.29 5.82
N CYS F 12 -32.19 27.66 6.99
CA CYS F 12 -32.39 26.69 8.05
C CYS F 12 -33.55 27.15 8.93
N THR F 13 -34.15 26.21 9.64
CA THR F 13 -35.27 26.48 10.53
C THR F 13 -34.91 26.08 11.95
N ILE F 14 -35.18 26.98 12.90
CA ILE F 14 -34.97 26.74 14.31
C ILE F 14 -36.29 26.94 15.01
N ASN F 15 -36.84 25.86 15.58
CA ASN F 15 -38.19 25.86 16.15
C ASN F 15 -39.21 26.31 15.11
N GLN F 16 -39.06 25.76 13.90
CA GLN F 16 -39.94 26.02 12.75
C GLN F 16 -39.90 27.48 12.29
N VAL F 17 -38.85 28.21 12.65
CA VAL F 17 -38.69 29.61 12.23
C VAL F 17 -37.58 29.64 11.19
N LEU F 18 -37.90 30.15 10.00
CA LEU F 18 -36.94 30.20 8.91
C LEU F 18 -35.84 31.21 9.20
N VAL F 19 -34.59 30.78 9.09
CA VAL F 19 -33.43 31.63 9.32
C VAL F 19 -32.45 31.45 8.17
N LYS F 20 -31.97 32.57 7.63
CA LYS F 20 -30.89 32.57 6.65
C LYS F 20 -29.59 32.84 7.37
N ALA F 21 -28.76 31.80 7.50
CA ALA F 21 -27.54 31.85 8.29
C ALA F 21 -26.35 32.21 7.40
N PHE F 22 -25.50 33.10 7.92
CA PHE F 22 -24.30 33.51 7.21
C PHE F 22 -23.18 32.51 7.44
N VAL F 23 -22.58 32.04 6.36
CA VAL F 23 -21.51 31.07 6.44
C VAL F 23 -20.20 31.84 6.30
N ASP F 24 -19.41 31.86 7.39
CA ASP F 24 -18.17 32.65 7.54
C ASP F 24 -17.11 31.67 7.98
N SER F 25 -16.23 31.22 7.08
CA SER F 25 -15.19 30.31 7.55
C SER F 25 -14.15 31.04 8.40
N GLY F 26 -14.06 32.38 8.29
CA GLY F 26 -13.17 33.20 9.09
C GLY F 26 -13.68 33.61 10.45
N ALA F 27 -14.94 33.30 10.77
CA ALA F 27 -15.46 33.59 12.09
C ALA F 27 -15.21 32.38 12.98
N GLN F 28 -14.59 32.66 14.12
CA GLN F 28 -14.22 31.63 15.07
C GLN F 28 -15.45 31.04 15.75
N ASN F 29 -16.39 31.88 16.14
CA ASN F 29 -17.57 31.49 16.90
C ASN F 29 -18.85 31.76 16.11
N SER F 30 -19.85 30.90 16.33
CA SER F 30 -21.18 31.11 15.78
C SER F 30 -21.99 32.04 16.67
N ILE F 31 -22.68 32.99 16.06
CA ILE F 31 -23.39 34.04 16.80
C ILE F 31 -24.75 34.26 16.15
N MET F 32 -25.79 34.31 16.98
CA MET F 32 -27.13 34.70 16.55
C MET F 32 -27.54 35.97 17.30
N ASN F 33 -28.19 36.89 16.60
CA ASN F 33 -28.59 38.13 17.25
C ASN F 33 -29.81 37.91 18.14
N LYS F 34 -29.99 38.85 19.09
CA LYS F 34 -31.04 38.70 20.10
C LYS F 34 -32.43 38.66 19.48
N ARG F 35 -32.67 39.46 18.43
CA ARG F 35 -33.99 39.51 17.81
C ARG F 35 -34.41 38.14 17.27
N THR F 36 -33.49 37.43 16.62
CA THR F 36 -33.81 36.10 16.13
C THR F 36 -33.98 35.12 17.28
N ALA F 37 -33.17 35.27 18.33
CA ALA F 37 -33.32 34.42 19.52
C ALA F 37 -34.70 34.58 20.13
N GLU F 38 -35.20 35.81 20.20
CA GLU F 38 -36.55 36.05 20.70
C GLU F 38 -37.60 35.44 19.77
N ARG F 39 -37.45 35.69 18.46
CA ARG F 39 -38.40 35.15 17.50
C ARG F 39 -38.43 33.63 17.51
N CYS F 40 -37.27 32.99 17.74
CA CYS F 40 -37.20 31.54 17.82
C CYS F 40 -37.55 31.00 19.20
N GLY F 41 -37.73 31.87 20.18
CA GLY F 41 -38.07 31.45 21.53
C GLY F 41 -36.94 30.68 22.21
N LEU F 42 -35.73 31.23 22.16
CA LEU F 42 -34.58 30.52 22.67
C LEU F 42 -33.90 31.19 23.85
N MET F 43 -34.34 32.37 24.29
CA MET F 43 -33.50 33.06 25.26
C MET F 43 -33.56 32.36 26.62
N ARG F 44 -34.57 31.52 26.86
CA ARG F 44 -34.60 30.73 28.09
C ARG F 44 -33.42 29.75 28.15
N LEU F 45 -32.85 29.41 27.00
CA LEU F 45 -31.70 28.52 26.90
C LEU F 45 -30.37 29.26 27.01
N VAL F 46 -30.39 30.57 27.19
CA VAL F 46 -29.16 31.37 27.21
C VAL F 46 -28.50 31.22 28.58
N ASP F 47 -27.23 30.81 28.57
CA ASP F 47 -26.45 30.69 29.79
C ASP F 47 -25.75 32.02 30.04
N VAL F 48 -26.04 32.64 31.19
CA VAL F 48 -25.58 33.98 31.49
C VAL F 48 -24.17 33.96 32.09
N ARG F 49 -23.55 32.79 32.10
CA ARG F 49 -22.16 32.69 32.54
C ARG F 49 -21.16 33.07 31.46
N MET F 50 -21.64 33.41 30.27
CA MET F 50 -20.76 33.81 29.17
C MET F 50 -21.03 35.25 28.78
N ARG F 51 -20.93 36.17 29.75
CA ARG F 51 -21.22 37.58 29.49
C ARG F 51 -20.18 38.22 28.59
N GLY F 52 -19.00 37.64 28.46
CA GLY F 52 -17.96 38.19 27.60
C GLY F 52 -17.15 37.13 26.87
N GLN F 60 -20.40 45.21 21.74
CA GLN F 60 -21.00 43.93 21.33
C GLN F 60 -22.15 43.53 22.26
N GLU F 61 -21.86 43.49 23.56
CA GLU F 61 -22.82 43.06 24.58
C GLU F 61 -23.29 41.64 24.32
N ILE F 62 -22.42 40.67 24.62
CA ILE F 62 -22.76 39.27 24.45
C ILE F 62 -23.75 38.87 25.54
N CYS F 63 -24.96 38.51 25.12
CA CYS F 63 -26.00 38.13 26.10
C CYS F 63 -25.67 36.81 26.79
N GLY F 64 -25.04 35.89 26.09
CA GLY F 64 -24.71 34.59 26.65
C GLY F 64 -24.57 33.56 25.56
N ARG F 65 -24.45 32.31 25.98
CA ARG F 65 -24.22 31.19 25.07
C ARG F 65 -25.30 30.13 25.22
N ILE F 66 -25.78 29.64 24.07
CA ILE F 66 -26.69 28.51 24.01
C ILE F 66 -25.86 27.28 23.70
N HIS F 67 -25.88 26.29 24.61
CA HIS F 67 -24.97 25.15 24.49
C HIS F 67 -25.45 24.14 23.46
N MET F 68 -26.77 23.96 23.31
CA MET F 68 -27.29 23.00 22.35
C MET F 68 -28.74 23.33 22.04
N THR F 69 -29.05 23.48 20.74
CA THR F 69 -30.41 23.63 20.28
C THR F 69 -30.49 23.00 18.90
N PRO F 70 -31.60 22.34 18.57
CA PRO F 70 -31.71 21.70 17.25
C PRO F 70 -31.93 22.74 16.16
N VAL F 71 -31.16 22.62 15.09
CA VAL F 71 -31.31 23.47 13.91
C VAL F 71 -31.58 22.55 12.72
N ASN F 72 -32.69 22.77 12.02
CA ASN F 72 -33.02 21.95 10.86
C ASN F 72 -32.22 22.47 9.67
N LEU F 73 -31.16 21.75 9.34
CA LEU F 73 -30.27 22.10 8.23
C LEU F 73 -29.97 20.84 7.43
N ALA F 74 -30.17 20.93 6.11
CA ALA F 74 -30.06 19.81 5.18
C ALA F 74 -31.08 18.72 5.50
N GLY F 75 -32.21 19.11 6.07
CA GLY F 75 -33.25 18.16 6.41
C GLY F 75 -33.03 17.44 7.73
N MET F 76 -31.89 17.67 8.37
CA MET F 76 -31.54 17.00 9.61
C MET F 76 -31.57 17.99 10.77
N TYR F 77 -31.91 17.49 11.95
CA TYR F 77 -31.92 18.28 13.17
C TYR F 77 -30.54 18.19 13.79
N ILE F 78 -29.69 19.17 13.50
CA ILE F 78 -28.28 19.16 13.90
C ILE F 78 -28.12 20.03 15.14
N PRO F 79 -27.51 19.51 16.21
CA PRO F 79 -27.36 20.31 17.44
C PRO F 79 -26.33 21.43 17.24
N PHE F 80 -26.75 22.66 17.51
CA PHE F 80 -25.88 23.81 17.34
C PHE F 80 -25.58 24.47 18.69
N ALA F 81 -24.41 25.10 18.75
CA ALA F 81 -24.01 25.91 19.89
C ALA F 81 -23.54 27.26 19.37
N PHE F 82 -23.97 28.33 20.02
CA PHE F 82 -23.66 29.68 19.54
C PHE F 82 -23.90 30.69 20.65
N TYR F 83 -23.27 31.84 20.52
CA TYR F 83 -23.50 32.97 21.40
C TYR F 83 -24.71 33.79 20.95
N VAL F 84 -25.24 34.59 21.86
CA VAL F 84 -26.34 35.50 21.57
C VAL F 84 -25.84 36.92 21.80
N ILE F 85 -26.01 37.77 20.79
CA ILE F 85 -25.55 39.16 20.81
C ILE F 85 -26.72 40.04 20.40
N GLU F 86 -26.69 41.30 20.86
CA GLU F 86 -27.82 42.19 20.64
C GLU F 86 -27.76 42.92 19.29
N ASP F 87 -26.65 43.61 19.01
CA ASP F 87 -26.55 44.50 17.86
C ASP F 87 -25.79 43.85 16.71
N GLN F 88 -26.32 42.75 16.18
CA GLN F 88 -25.76 42.10 15.00
C GLN F 88 -26.71 42.21 13.82
N ALA F 89 -26.18 42.59 12.66
CA ALA F 89 -27.02 42.71 11.47
C ALA F 89 -27.47 41.35 10.97
N MET F 90 -26.57 40.36 10.95
CA MET F 90 -26.93 39.02 10.50
C MET F 90 -27.72 38.29 11.58
N ASP F 91 -28.77 37.60 11.16
CA ASP F 91 -29.60 36.84 12.09
C ASP F 91 -28.81 35.72 12.74
N LEU F 92 -28.04 34.98 11.96
CA LEU F 92 -27.25 33.87 12.49
C LEU F 92 -25.98 33.72 11.67
N ILE F 93 -24.84 33.66 12.35
CA ILE F 93 -23.54 33.44 11.73
C ILE F 93 -23.11 32.02 12.09
N ILE F 94 -22.83 31.22 11.06
CA ILE F 94 -22.26 29.88 11.25
C ILE F 94 -20.75 30.02 11.15
N GLY F 95 -20.07 30.00 12.30
CA GLY F 95 -18.64 30.18 12.34
C GLY F 95 -17.88 28.87 12.18
N LEU F 96 -16.55 28.98 12.26
CA LEU F 96 -15.70 27.80 12.05
C LEU F 96 -15.91 26.76 13.14
N ASP F 97 -16.30 27.18 14.35
CA ASP F 97 -16.53 26.22 15.43
C ASP F 97 -17.56 25.17 15.03
N GLN F 98 -18.72 25.62 14.52
CA GLN F 98 -19.76 24.67 14.13
C GLN F 98 -19.47 24.03 12.79
N LEU F 99 -18.77 24.74 11.89
CA LEU F 99 -18.40 24.16 10.62
C LEU F 99 -17.46 22.97 10.79
N LYS F 100 -16.52 23.06 11.74
CA LYS F 100 -15.60 21.95 12.00
C LYS F 100 -16.25 20.87 12.86
N ARG F 101 -17.05 21.27 13.86
CA ARG F 101 -17.64 20.30 14.77
C ARG F 101 -18.53 19.30 14.02
N HIS F 102 -19.21 19.76 12.98
CA HIS F 102 -20.12 18.93 12.21
C HIS F 102 -19.52 18.49 10.88
N GLN F 103 -18.21 18.67 10.69
CA GLN F 103 -17.50 18.19 9.51
C GLN F 103 -18.16 18.67 8.22
N MET F 104 -18.48 19.95 8.18
CA MET F 104 -19.14 20.52 7.02
C MET F 104 -18.12 20.76 5.90
N MET F 105 -18.64 20.99 4.70
CA MET F 105 -17.80 21.25 3.53
C MET F 105 -18.43 22.40 2.75
N ILE F 106 -17.66 23.48 2.57
CA ILE F 106 -18.09 24.63 1.80
C ILE F 106 -17.67 24.39 0.35
N ASP F 107 -18.59 23.92 -0.47
CA ASP F 107 -18.31 23.55 -1.85
C ASP F 107 -18.73 24.71 -2.75
N LEU F 108 -17.75 25.48 -3.22
CA LEU F 108 -18.00 26.59 -4.12
C LEU F 108 -17.84 26.21 -5.58
N LYS F 109 -17.40 24.99 -5.87
CA LYS F 109 -17.47 24.48 -7.23
C LYS F 109 -18.91 24.13 -7.60
N HIS F 110 -19.67 23.58 -6.65
CA HIS F 110 -21.07 23.25 -6.85
C HIS F 110 -22.01 24.21 -6.13
N ASN F 111 -21.48 25.22 -5.46
CA ASN F 111 -22.27 26.29 -4.83
C ASN F 111 -23.25 25.71 -3.81
N CYS F 112 -22.71 24.97 -2.84
CA CYS F 112 -23.55 24.37 -1.82
C CYS F 112 -22.72 24.10 -0.57
N LEU F 113 -23.42 24.00 0.56
CA LEU F 113 -22.84 23.57 1.82
C LEU F 113 -23.23 22.12 2.06
N THR F 114 -22.24 21.26 2.23
CA THR F 114 -22.45 19.81 2.31
C THR F 114 -22.28 19.33 3.74
N ILE F 115 -23.32 18.68 4.26
CA ILE F 115 -23.29 18.04 5.57
C ILE F 115 -23.70 16.58 5.37
N ASP F 116 -22.91 15.68 5.95
CA ASP F 116 -23.04 14.24 5.70
C ASP F 116 -22.91 14.07 4.18
N ASN F 117 -23.90 13.47 3.52
CA ASN F 117 -23.90 13.39 2.05
C ASN F 117 -24.95 14.29 1.43
N ILE F 118 -25.51 15.23 2.19
CA ILE F 118 -26.59 16.09 1.74
C ILE F 118 -26.05 17.50 1.53
N ASN F 119 -26.39 18.10 0.39
CA ASN F 119 -25.90 19.41 0.00
C ASN F 119 -27.03 20.42 0.14
N VAL F 120 -26.73 21.58 0.72
CA VAL F 120 -27.68 22.67 0.81
C VAL F 120 -27.20 23.78 -0.12
N PRO F 121 -27.88 24.02 -1.24
CA PRO F 121 -27.43 25.07 -2.17
C PRO F 121 -27.46 26.45 -1.51
N PHE F 122 -26.42 27.23 -1.78
CA PHE F 122 -26.34 28.59 -1.27
C PHE F 122 -27.44 29.44 -1.92
N LEU F 123 -28.04 30.30 -1.11
CA LEU F 123 -29.20 31.07 -1.54
C LEU F 123 -28.83 32.05 -2.65
N PRO F 124 -29.71 32.26 -3.62
CA PRO F 124 -29.46 33.27 -4.66
C PRO F 124 -29.46 34.67 -4.08
N GLU F 125 -28.94 35.61 -4.89
CA GLU F 125 -28.77 36.99 -4.42
C GLU F 125 -30.09 37.59 -3.93
N ASN F 126 -31.18 37.33 -4.62
CA ASN F 126 -32.48 37.88 -4.22
C ASN F 126 -32.95 37.29 -2.89
#